data_9CT3
#
_entry.id   9CT3
#
_cell.length_a   1.00
_cell.length_b   1.00
_cell.length_c   1.00
_cell.angle_alpha   90.00
_cell.angle_beta   90.00
_cell.angle_gamma   90.00
#
_symmetry.space_group_name_H-M   'P 1'
#
loop_
_entity.id
_entity.type
_entity.pdbx_description
1 polymer 'Stimulator of interferon genes protein'
2 non-polymer '4,5-difluoro-2-{[6-(1H-imidazol-1-yl)pyridazine-3-carbonyl]amino}benzoic acid'
3 non-polymer 1-[(2-chloro-6-fluorophenyl)methyl]-3,3-dimethyl-2-oxo-N-[(2,4,6-trifluorophenyl)methyl]-2,3-dihydro-1H-indole-6-carboxamide
#
_entity_poly.entity_id   1
_entity_poly.type   'polypeptide(L)'
_entity_poly.pdbx_seq_one_letter_code
;MPHSSLHPSIPCPRGHGAQKAALVLLSACLVTLWGLGEPPEHTLRYLVLHLASLQLGLLLNGVCSLAEELRHIHSRYRGS
YWRTVRACLGCPLRRGALLLLSIYFYYSLPNAVGPPFTWMLALLGLSQALNILLGLKGLAPAEISAVCEKGNFNVAHGLA
WSYYIGYLRLILPELQARIRTYNQHYNNLLRGAVSQRLYILLPLDCGVPDNLSMADPNIRFLDKLPQQTGDHAGIKDRVY
SNSIYELLENGQRAGTCVLEYATPLQTLFAMSQYSQAGFSREDRLEQAKLFCRTLEDILADAPESQNNCRLIAYQEPADD
SSFSLSQEVLRHLRQEEKEEVTVGGGSGGGSGGSAWSHPQFEK
;
_entity_poly.pdbx_strand_id   A,B,C,D
#
# COMPACT_ATOMS: atom_id res chain seq x y z
N SER A 5 19.81 -13.00 3.73
CA SER A 5 20.92 -13.96 3.62
C SER A 5 22.27 -13.26 3.76
N LEU A 6 22.23 -11.99 4.17
CA LEU A 6 23.47 -11.23 4.36
C LEU A 6 24.31 -11.85 5.48
N HIS A 7 23.70 -12.03 6.65
CA HIS A 7 24.38 -12.56 7.81
C HIS A 7 23.44 -13.47 8.57
N PRO A 8 23.95 -14.53 9.21
CA PRO A 8 23.07 -15.41 10.00
C PRO A 8 22.35 -14.70 11.13
N SER A 9 22.97 -13.69 11.74
CA SER A 9 22.38 -13.01 12.89
C SER A 9 21.26 -12.06 12.52
N ILE A 10 21.08 -11.74 11.24
CA ILE A 10 20.01 -10.84 10.82
C ILE A 10 18.68 -11.58 10.92
N PRO A 11 17.71 -11.04 11.67
CA PRO A 11 16.48 -11.79 11.91
C PRO A 11 15.59 -11.86 10.68
N CYS A 12 14.98 -13.02 10.48
CA CYS A 12 13.98 -13.17 9.43
C CYS A 12 12.71 -12.43 9.81
N PRO A 13 11.90 -12.03 8.82
CA PRO A 13 10.63 -11.36 9.14
C PRO A 13 9.72 -12.27 9.95
N ARG A 14 8.93 -11.65 10.83
CA ARG A 14 8.07 -12.39 11.74
C ARG A 14 7.03 -13.18 10.96
N GLY A 15 6.86 -14.45 11.34
CA GLY A 15 5.93 -15.33 10.67
C GLY A 15 4.56 -15.35 11.32
N HIS A 16 3.92 -16.53 11.35
CA HIS A 16 2.60 -16.69 11.92
C HIS A 16 2.62 -17.72 13.06
N GLY A 17 3.72 -17.78 13.80
CA GLY A 17 3.79 -18.71 14.91
C GLY A 17 2.80 -18.38 16.02
N ALA A 18 2.58 -17.09 16.26
CA ALA A 18 1.61 -16.68 17.27
C ALA A 18 0.21 -17.14 16.91
N GLN A 19 -0.17 -16.99 15.64
CA GLN A 19 -1.51 -17.41 15.22
C GLN A 19 -1.66 -18.93 15.27
N LYS A 20 -0.61 -19.68 14.91
CA LYS A 20 -0.66 -21.13 15.03
C LYS A 20 -0.80 -21.55 16.49
N ALA A 21 -0.06 -20.91 17.39
CA ALA A 21 -0.19 -21.20 18.81
C ALA A 21 -1.58 -20.87 19.31
N ALA A 22 -2.15 -19.76 18.83
CA ALA A 22 -3.51 -19.40 19.23
C ALA A 22 -4.52 -20.43 18.72
N LEU A 23 -4.32 -20.94 17.51
CA LEU A 23 -5.21 -21.97 16.99
C LEU A 23 -5.12 -23.24 17.82
N VAL A 24 -3.90 -23.64 18.19
CA VAL A 24 -3.74 -24.82 19.05
C VAL A 24 -4.41 -24.59 20.40
N LEU A 25 -4.24 -23.39 20.97
CA LEU A 25 -4.87 -23.08 22.25
C LEU A 25 -6.38 -23.11 22.13
N LEU A 26 -6.93 -22.59 21.03
CA LEU A 26 -8.37 -22.61 20.82
C LEU A 26 -8.89 -24.04 20.72
N SER A 27 -8.18 -24.89 19.98
CA SER A 27 -8.59 -26.29 19.88
C SER A 27 -8.55 -26.97 21.25
N ALA A 28 -7.50 -26.72 22.03
CA ALA A 28 -7.40 -27.31 23.36
C ALA A 28 -8.52 -26.81 24.26
N CYS A 29 -8.86 -25.52 24.18
CA CYS A 29 -9.92 -24.97 25.01
C CYS A 29 -11.28 -25.54 24.62
N LEU A 30 -11.54 -25.70 23.32
CA LEU A 30 -12.78 -26.32 22.89
C LEU A 30 -12.88 -27.76 23.37
N VAL A 31 -11.78 -28.51 23.27
CA VAL A 31 -11.77 -29.89 23.74
C VAL A 31 -12.03 -29.93 25.25
N THR A 32 -11.42 -29.01 26.00
CA THR A 32 -11.64 -28.95 27.43
C THR A 32 -13.09 -28.64 27.78
N LEU A 33 -13.67 -27.64 27.10
CA LEU A 33 -15.06 -27.28 27.36
C LEU A 33 -16.01 -28.43 27.03
N TRP A 34 -15.71 -29.18 25.98
CA TRP A 34 -16.47 -30.39 25.71
C TRP A 34 -16.28 -31.43 26.82
N GLY A 35 -15.04 -31.55 27.33
CA GLY A 35 -14.75 -32.57 28.32
C GLY A 35 -15.45 -32.35 29.65
N LEU A 36 -15.44 -31.11 30.16
CA LEU A 36 -16.13 -30.85 31.42
C LEU A 36 -17.63 -31.10 31.30
N GLY A 37 -18.24 -30.70 30.19
CA GLY A 37 -19.64 -30.95 29.97
C GLY A 37 -20.59 -29.93 30.55
N GLU A 38 -20.12 -28.72 30.86
CA GLU A 38 -21.02 -27.66 31.26
C GLU A 38 -21.93 -27.32 30.08
N PRO A 39 -23.14 -26.83 30.36
CA PRO A 39 -24.10 -26.55 29.27
C PRO A 39 -23.51 -25.61 28.25
N PRO A 40 -23.64 -25.93 26.96
CA PRO A 40 -23.06 -25.06 25.92
C PRO A 40 -23.64 -23.66 25.90
N GLU A 41 -24.92 -23.51 26.30
CA GLU A 41 -25.51 -22.19 26.35
C GLU A 41 -24.78 -21.31 27.36
N HIS A 42 -24.40 -21.86 28.50
CA HIS A 42 -23.61 -21.11 29.47
C HIS A 42 -22.26 -20.71 28.91
N THR A 43 -21.61 -21.62 28.18
CA THR A 43 -20.33 -21.31 27.56
C THR A 43 -20.46 -20.13 26.61
N LEU A 44 -21.44 -20.18 25.71
CA LEU A 44 -21.63 -19.10 24.76
C LEU A 44 -21.98 -17.80 25.47
N ARG A 45 -22.86 -17.88 26.48
CA ARG A 45 -23.29 -16.68 27.19
C ARG A 45 -22.12 -15.99 27.87
N TYR A 46 -21.28 -16.77 28.55
CA TYR A 46 -20.15 -16.16 29.26
C TYR A 46 -19.07 -15.69 28.30
N LEU A 47 -18.86 -16.38 27.18
CA LEU A 47 -17.93 -15.86 26.17
C LEU A 47 -18.40 -14.52 25.63
N VAL A 48 -19.69 -14.42 25.32
CA VAL A 48 -20.22 -13.15 24.79
C VAL A 48 -20.15 -12.06 25.83
N LEU A 49 -20.42 -12.40 27.11
CA LEU A 49 -20.34 -11.40 28.17
C LEU A 49 -18.90 -10.92 28.36
N HIS A 50 -17.93 -11.83 28.29
CA HIS A 50 -16.53 -11.44 28.39
C HIS A 50 -16.12 -10.52 27.23
N LEU A 51 -16.53 -10.87 26.01
CA LEU A 51 -16.20 -10.03 24.86
C LEU A 51 -16.86 -8.66 24.99
N ALA A 52 -18.09 -8.61 25.49
CA ALA A 52 -18.76 -7.33 25.70
C ALA A 52 -18.02 -6.48 26.73
N SER A 53 -17.57 -7.10 27.82
CA SER A 53 -16.81 -6.36 28.83
C SER A 53 -15.50 -5.84 28.23
N LEU A 54 -14.84 -6.65 27.41
CA LEU A 54 -13.61 -6.20 26.77
C LEU A 54 -13.88 -5.03 25.83
N GLN A 55 -14.97 -5.08 25.09
CA GLN A 55 -15.31 -3.98 24.18
C GLN A 55 -15.59 -2.69 24.95
N LEU A 56 -16.32 -2.79 26.07
CA LEU A 56 -16.60 -1.59 26.85
C LEU A 56 -15.34 -1.05 27.51
N GLY A 57 -14.43 -1.92 27.93
CA GLY A 57 -13.14 -1.46 28.42
C GLY A 57 -12.35 -0.75 27.34
N LEU A 58 -12.41 -1.27 26.11
CA LEU A 58 -11.77 -0.59 24.98
C LEU A 58 -12.38 0.78 24.75
N LEU A 59 -13.71 0.89 24.87
CA LEU A 59 -14.36 2.19 24.78
C LEU A 59 -13.83 3.16 25.83
N LEU A 60 -13.75 2.71 27.08
CA LEU A 60 -13.29 3.59 28.15
C LEU A 60 -11.84 4.02 27.93
N ASN A 61 -10.99 3.08 27.53
CA ASN A 61 -9.60 3.42 27.23
C ASN A 61 -9.49 4.39 26.08
N GLY A 62 -10.30 4.19 25.02
CA GLY A 62 -10.27 5.09 23.90
C GLY A 62 -10.75 6.49 24.26
N VAL A 63 -11.75 6.59 25.13
CA VAL A 63 -12.20 7.90 25.58
C VAL A 63 -11.11 8.59 26.39
N CYS A 64 -10.44 7.84 27.27
CA CYS A 64 -9.35 8.42 28.05
C CYS A 64 -8.23 8.90 27.14
N SER A 65 -7.91 8.13 26.10
CA SER A 65 -6.88 8.57 25.15
C SER A 65 -7.35 9.78 24.35
N LEU A 66 -8.64 9.83 23.99
CA LEU A 66 -9.18 10.98 23.28
C LEU A 66 -9.09 12.24 24.11
N ALA A 67 -9.15 12.10 25.44
CA ALA A 67 -9.00 13.27 26.29
C ALA A 67 -7.66 13.96 26.09
N GLU A 68 -6.62 13.21 25.72
CA GLU A 68 -5.31 13.80 25.46
C GLU A 68 -5.03 14.02 23.98
N GLU A 69 -5.71 13.31 23.09
CA GLU A 69 -5.53 13.54 21.66
C GLU A 69 -6.36 14.72 21.14
N LEU A 70 -7.28 15.24 21.95
CA LEU A 70 -8.11 16.35 21.52
C LEU A 70 -7.37 17.69 21.53
N ARG A 71 -6.27 17.80 22.27
CA ARG A 71 -5.50 19.04 22.25
C ARG A 71 -4.45 19.06 21.15
N HIS A 72 -4.22 17.93 20.48
CA HIS A 72 -3.41 17.89 19.27
C HIS A 72 -4.27 17.84 18.01
N ILE A 73 -5.50 18.35 18.09
CA ILE A 73 -6.42 18.25 16.97
C ILE A 73 -5.98 19.15 15.82
N HIS A 74 -5.52 20.36 16.13
CA HIS A 74 -5.06 21.26 15.09
C HIS A 74 -3.69 20.86 14.55
N SER A 75 -2.77 20.50 15.43
CA SER A 75 -1.41 20.20 15.02
C SER A 75 -1.30 18.84 14.33
N ARG A 76 -1.98 17.82 14.86
CA ARG A 76 -1.80 16.45 14.37
C ARG A 76 -2.97 15.94 13.55
N TYR A 77 -4.19 16.41 13.79
CA TYR A 77 -5.38 15.88 13.13
C TYR A 77 -6.10 16.94 12.31
N ARG A 78 -5.34 17.91 11.78
CA ARG A 78 -5.82 18.96 10.87
C ARG A 78 -7.10 19.65 11.38
N GLY A 79 -7.32 19.65 12.69
CA GLY A 79 -8.40 20.44 13.25
C GLY A 79 -9.79 19.86 13.10
N SER A 80 -9.91 18.60 12.70
CA SER A 80 -11.20 17.95 12.54
C SER A 80 -11.35 16.86 13.58
N TYR A 81 -12.52 16.83 14.23
CA TYR A 81 -12.73 15.91 15.34
C TYR A 81 -12.89 14.47 14.86
N TRP A 82 -13.34 14.27 13.62
CA TRP A 82 -13.56 12.93 13.12
C TRP A 82 -12.26 12.13 13.03
N ARG A 83 -11.18 12.77 12.57
CA ARG A 83 -9.89 12.08 12.53
C ARG A 83 -9.40 11.74 13.93
N THR A 84 -9.61 12.65 14.89
CA THR A 84 -9.22 12.36 16.27
C THR A 84 -9.97 11.16 16.82
N VAL A 85 -11.29 11.12 16.59
CA VAL A 85 -12.09 10.01 17.10
C VAL A 85 -11.71 8.71 16.39
N ARG A 86 -11.42 8.78 15.09
CA ARG A 86 -11.00 7.59 14.37
C ARG A 86 -9.65 7.08 14.88
N ALA A 87 -8.74 7.99 15.20
CA ALA A 87 -7.44 7.59 15.74
C ALA A 87 -7.59 6.97 17.12
N CYS A 88 -8.47 7.52 17.96
CA CYS A 88 -8.57 7.03 19.33
C CYS A 88 -9.40 5.76 19.43
N LEU A 89 -10.66 5.81 18.97
CA LEU A 89 -11.61 4.73 19.16
C LEU A 89 -11.67 3.77 17.97
N GLY A 90 -10.89 4.00 16.92
CA GLY A 90 -10.99 3.18 15.74
C GLY A 90 -12.06 3.66 14.79
N CYS A 91 -12.53 2.76 13.95
CA CYS A 91 -13.59 3.10 13.00
C CYS A 91 -14.87 3.41 13.76
N PRO A 92 -15.43 4.62 13.63
CA PRO A 92 -16.59 4.99 14.46
C PRO A 92 -17.79 4.10 14.25
N LEU A 93 -18.07 3.67 13.02
CA LEU A 93 -19.27 2.89 12.75
C LEU A 93 -19.13 1.46 13.30
N ARG A 94 -18.00 0.81 13.01
CA ARG A 94 -17.79 -0.54 13.53
C ARG A 94 -17.70 -0.55 15.04
N ARG A 95 -16.99 0.43 15.62
CA ARG A 95 -16.92 0.53 17.07
C ARG A 95 -18.28 0.78 17.68
N GLY A 96 -19.09 1.64 17.06
CA GLY A 96 -20.43 1.89 17.57
C GLY A 96 -21.30 0.65 17.51
N ALA A 97 -21.21 -0.12 16.42
CA ALA A 97 -21.97 -1.37 16.33
C ALA A 97 -21.55 -2.35 17.41
N LEU A 98 -20.24 -2.49 17.62
CA LEU A 98 -19.75 -3.41 18.65
C LEU A 98 -20.18 -2.94 20.04
N LEU A 99 -20.19 -1.63 20.27
CA LEU A 99 -20.64 -1.12 21.57
C LEU A 99 -22.12 -1.36 21.79
N LEU A 100 -22.93 -1.18 20.75
CA LEU A 100 -24.36 -1.45 20.87
C LEU A 100 -24.59 -2.92 21.18
N LEU A 101 -23.88 -3.82 20.48
CA LEU A 101 -23.99 -5.24 20.78
C LEU A 101 -23.57 -5.54 22.22
N SER A 102 -22.47 -4.94 22.67
CA SER A 102 -21.99 -5.21 24.02
C SER A 102 -23.00 -4.74 25.07
N ILE A 103 -23.53 -3.53 24.89
CA ILE A 103 -24.50 -3.00 25.86
C ILE A 103 -25.75 -3.87 25.89
N TYR A 104 -26.27 -4.23 24.71
CA TYR A 104 -27.49 -5.04 24.66
C TYR A 104 -27.26 -6.41 25.27
N PHE A 105 -26.17 -7.08 24.88
CA PHE A 105 -25.91 -8.44 25.32
C PHE A 105 -25.40 -8.52 26.75
N TYR A 106 -25.05 -7.40 27.37
CA TYR A 106 -24.80 -7.46 28.80
C TYR A 106 -26.02 -7.08 29.62
N TYR A 107 -26.77 -6.05 29.22
CA TYR A 107 -27.94 -5.65 29.98
C TYR A 107 -29.03 -6.70 29.88
N SER A 108 -29.07 -7.47 28.78
CA SER A 108 -30.13 -8.45 28.59
C SER A 108 -29.76 -9.82 29.15
N LEU A 109 -28.57 -10.31 28.85
CA LEU A 109 -28.20 -11.66 29.24
C LEU A 109 -28.03 -11.77 30.76
N PRO A 110 -28.43 -12.89 31.35
CA PRO A 110 -28.10 -13.15 32.75
C PRO A 110 -26.61 -13.42 32.92
N ASN A 111 -26.11 -13.13 34.11
CA ASN A 111 -24.68 -13.30 34.39
C ASN A 111 -24.51 -13.61 35.87
N ALA A 112 -24.20 -14.88 36.18
CA ALA A 112 -23.91 -15.27 37.54
C ALA A 112 -22.52 -14.84 37.98
N VAL A 113 -21.54 -14.83 37.09
CA VAL A 113 -20.19 -14.37 37.42
C VAL A 113 -19.98 -12.98 36.81
N GLY A 114 -20.29 -11.96 37.60
CA GLY A 114 -20.30 -10.60 37.10
C GLY A 114 -21.48 -9.81 37.64
N PRO A 115 -21.33 -8.50 37.72
CA PRO A 115 -22.33 -7.67 38.37
C PRO A 115 -23.48 -7.35 37.44
N PRO A 116 -24.54 -6.71 37.94
CA PRO A 116 -25.54 -6.12 37.04
C PRO A 116 -24.91 -5.08 36.12
N PHE A 117 -25.70 -4.58 35.17
CA PHE A 117 -25.16 -3.74 34.12
C PHE A 117 -24.51 -2.48 34.68
N THR A 118 -25.23 -1.73 35.52
CA THR A 118 -24.66 -0.50 36.07
C THR A 118 -23.48 -0.80 36.99
N TRP A 119 -23.57 -1.86 37.79
CA TRP A 119 -22.46 -2.24 38.65
C TRP A 119 -21.27 -2.70 37.82
N MET A 120 -21.54 -3.45 36.73
CA MET A 120 -20.44 -3.84 35.85
C MET A 120 -19.77 -2.61 35.27
N LEU A 121 -20.56 -1.66 34.79
CA LEU A 121 -20.00 -0.48 34.16
C LEU A 121 -19.15 0.30 35.14
N ALA A 122 -19.62 0.45 36.37
CA ALA A 122 -18.85 1.14 37.39
C ALA A 122 -17.54 0.41 37.68
N LEU A 123 -17.60 -0.91 37.87
CA LEU A 123 -16.40 -1.67 38.20
C LEU A 123 -15.42 -1.71 37.04
N LEU A 124 -15.92 -1.80 35.81
CA LEU A 124 -15.06 -1.86 34.64
C LEU A 124 -14.41 -0.51 34.37
N GLY A 125 -15.14 0.58 34.59
CA GLY A 125 -14.52 1.88 34.55
C GLY A 125 -13.44 2.04 35.60
N LEU A 126 -13.72 1.54 36.81
CA LEU A 126 -12.71 1.56 37.87
C LEU A 126 -11.46 0.81 37.45
N SER A 127 -11.63 -0.40 36.92
CA SER A 127 -10.48 -1.22 36.53
C SER A 127 -9.72 -0.61 35.36
N GLN A 128 -10.43 -0.05 34.39
CA GLN A 128 -9.76 0.58 33.25
C GLN A 128 -9.00 1.82 33.68
N ALA A 129 -9.58 2.61 34.59
CA ALA A 129 -8.87 3.76 35.14
C ALA A 129 -7.62 3.32 35.88
N LEU A 130 -7.70 2.24 36.64
CA LEU A 130 -6.52 1.71 37.33
C LEU A 130 -5.47 1.26 36.31
N ASN A 131 -5.90 0.59 35.25
CA ASN A 131 -4.96 0.12 34.24
C ASN A 131 -4.25 1.29 33.56
N ILE A 132 -4.98 2.36 33.25
CA ILE A 132 -4.37 3.51 32.60
C ILE A 132 -3.44 4.24 33.55
N LEU A 133 -3.88 4.44 34.80
CA LEU A 133 -3.09 5.24 35.75
C LEU A 133 -1.82 4.50 36.17
N LEU A 134 -1.94 3.22 36.53
CA LEU A 134 -0.79 2.45 36.97
C LEU A 134 0.03 1.89 35.81
N GLY A 135 -0.43 2.07 34.58
CA GLY A 135 0.29 1.51 33.44
C GLY A 135 0.23 0.00 33.35
N LEU A 136 -0.78 -0.62 33.95
CA LEU A 136 -0.87 -2.08 33.93
C LEU A 136 -1.09 -2.60 32.52
N LYS A 137 -1.91 -1.90 31.73
CA LYS A 137 -2.18 -2.30 30.34
C LYS A 137 -1.03 -1.82 29.47
N GLY A 138 0.10 -2.52 29.59
CA GLY A 138 1.29 -2.22 28.82
C GLY A 138 1.58 -3.29 27.77
N LEU A 139 2.58 -3.01 26.96
CA LEU A 139 2.99 -3.90 25.88
C LEU A 139 4.40 -4.42 26.15
N ALA A 140 4.56 -5.73 26.12
CA ALA A 140 5.87 -6.32 26.25
C ALA A 140 6.70 -5.99 25.01
N PRO A 141 8.03 -5.99 25.12
CA PRO A 141 8.86 -5.59 23.97
C PRO A 141 8.64 -6.44 22.74
N ALA A 142 8.22 -7.70 22.88
CA ALA A 142 7.95 -8.52 21.69
C ALA A 142 6.78 -7.96 20.89
N GLU A 143 5.70 -7.57 21.55
CA GLU A 143 4.56 -7.01 20.83
C GLU A 143 4.90 -5.64 20.25
N ILE A 144 5.70 -4.85 20.97
CA ILE A 144 6.13 -3.56 20.43
C ILE A 144 6.96 -3.75 19.18
N SER A 145 7.89 -4.73 19.21
CA SER A 145 8.70 -5.02 18.04
C SER A 145 7.84 -5.50 16.88
N ALA A 146 6.86 -6.36 17.16
CA ALA A 146 5.99 -6.85 16.09
C ALA A 146 5.18 -5.71 15.47
N VAL A 147 4.63 -4.82 16.29
CA VAL A 147 3.85 -3.71 15.77
C VAL A 147 4.73 -2.78 14.96
N CYS A 148 5.94 -2.49 15.45
CA CYS A 148 6.85 -1.61 14.73
C CYS A 148 7.26 -2.22 13.39
N GLU A 149 7.54 -3.52 13.36
CA GLU A 149 7.91 -4.19 12.12
C GLU A 149 6.74 -4.18 11.13
N LYS A 150 5.53 -4.47 11.60
CA LYS A 150 4.38 -4.48 10.70
C LYS A 150 4.08 -3.09 10.15
N GLY A 151 4.14 -2.07 11.00
CA GLY A 151 3.84 -0.71 10.60
C GLY A 151 5.03 0.12 10.15
N ASN A 152 6.22 -0.48 10.05
CA ASN A 152 7.43 0.21 9.62
C ASN A 152 7.75 1.39 10.53
N PHE A 153 7.54 1.22 11.83
CA PHE A 153 7.84 2.25 12.82
C PHE A 153 9.23 2.03 13.41
N ASN A 154 10.24 2.10 12.54
CA ASN A 154 11.62 1.86 12.91
C ASN A 154 12.50 2.98 12.39
N VAL A 155 13.57 3.27 13.14
CA VAL A 155 14.58 4.19 12.61
C VAL A 155 15.34 3.52 11.47
N ALA A 156 15.48 2.19 11.53
CA ALA A 156 16.25 1.47 10.53
C ALA A 156 15.56 1.49 9.17
N HIS A 157 14.23 1.39 9.14
CA HIS A 157 13.50 1.42 7.88
C HIS A 157 13.74 2.75 7.16
N GLY A 158 13.52 3.86 7.87
CA GLY A 158 13.76 5.17 7.27
C GLY A 158 15.21 5.38 6.90
N LEU A 159 16.13 4.91 7.74
CA LEU A 159 17.55 5.08 7.45
C LEU A 159 17.97 4.32 6.21
N ALA A 160 17.49 3.09 6.04
CA ALA A 160 17.84 2.30 4.87
C ALA A 160 17.22 2.88 3.60
N TRP A 161 15.95 3.29 3.67
CA TRP A 161 15.35 3.92 2.50
C TRP A 161 16.02 5.23 2.17
N SER A 162 16.55 5.93 3.18
CA SER A 162 17.27 7.18 2.93
C SER A 162 18.65 6.94 2.35
N TYR A 163 19.34 5.90 2.80
CA TYR A 163 20.60 5.54 2.18
C TYR A 163 20.40 5.15 0.73
N TYR A 164 19.29 4.49 0.42
CA TYR A 164 19.00 4.15 -0.96
C TYR A 164 18.68 5.40 -1.79
N ILE A 165 17.65 6.14 -1.40
CA ILE A 165 17.16 7.23 -2.23
C ILE A 165 18.17 8.38 -2.29
N GLY A 166 18.70 8.79 -1.15
CA GLY A 166 19.53 9.98 -1.10
C GLY A 166 20.93 9.80 -1.65
N TYR A 167 21.50 8.60 -1.52
CA TYR A 167 22.87 8.36 -1.96
C TYR A 167 22.96 7.35 -3.10
N LEU A 168 22.46 6.14 -2.91
CA LEU A 168 22.66 5.09 -3.91
C LEU A 168 21.92 5.40 -5.20
N ARG A 169 20.68 5.87 -5.08
CA ARG A 169 19.88 6.23 -6.25
C ARG A 169 20.51 7.34 -7.07
N LEU A 170 21.56 7.98 -6.58
CA LEU A 170 22.26 9.05 -7.30
C LEU A 170 23.55 8.59 -7.95
N ILE A 171 24.35 7.77 -7.28
CA ILE A 171 25.64 7.36 -7.82
C ILE A 171 25.56 6.06 -8.62
N LEU A 172 24.64 5.15 -8.28
CA LEU A 172 24.61 3.85 -8.94
C LEU A 172 24.43 3.93 -10.45
N PRO A 173 23.55 4.76 -11.02
CA PRO A 173 23.46 4.82 -12.49
C PRO A 173 24.78 5.20 -13.17
N GLU A 174 25.53 6.14 -12.61
CA GLU A 174 26.74 6.63 -13.25
C GLU A 174 28.01 5.97 -12.74
N LEU A 175 27.90 5.05 -11.78
CA LEU A 175 29.09 4.39 -11.25
C LEU A 175 29.78 3.55 -12.30
N GLN A 176 29.00 2.84 -13.13
CA GLN A 176 29.59 2.04 -14.19
C GLN A 176 30.35 2.91 -15.18
N ALA A 177 29.78 4.04 -15.57
CA ALA A 177 30.46 4.95 -16.48
C ALA A 177 31.73 5.51 -15.86
N ARG A 178 31.68 5.87 -14.58
CA ARG A 178 32.86 6.41 -13.91
C ARG A 178 33.98 5.37 -13.84
N ILE A 179 33.63 4.13 -13.50
CA ILE A 179 34.65 3.08 -13.41
C ILE A 179 35.21 2.76 -14.79
N ARG A 180 34.36 2.76 -15.81
CA ARG A 180 34.85 2.54 -17.18
C ARG A 180 35.80 3.64 -17.60
N THR A 181 35.47 4.90 -17.29
CA THR A 181 36.35 6.02 -17.61
C THR A 181 37.68 5.89 -16.89
N TYR A 182 37.64 5.50 -15.61
CA TYR A 182 38.89 5.30 -14.87
C TYR A 182 39.72 4.19 -15.47
N ASN A 183 39.09 3.08 -15.84
CA ASN A 183 39.83 1.93 -16.38
C ASN A 183 40.44 2.26 -17.74
N GLN A 184 39.71 2.96 -18.59
CA GLN A 184 40.22 3.28 -19.93
C GLN A 184 41.45 4.17 -19.85
N HIS A 185 41.45 5.14 -18.95
CA HIS A 185 42.55 6.09 -18.85
C HIS A 185 43.66 5.63 -17.90
N TYR A 186 43.54 4.42 -17.34
CA TYR A 186 44.56 3.91 -16.43
C TYR A 186 44.82 2.42 -16.68
N GLY A 192 46.36 -3.48 -11.49
CA GLY A 192 45.17 -4.30 -11.65
C GLY A 192 43.99 -3.55 -12.24
N ALA A 193 42.83 -4.19 -12.26
CA ALA A 193 41.60 -3.61 -12.78
C ALA A 193 40.60 -3.43 -11.66
N VAL A 194 40.03 -2.23 -11.55
CA VAL A 194 39.07 -1.94 -10.50
C VAL A 194 37.75 -2.66 -10.79
N SER A 195 37.12 -3.18 -9.74
CA SER A 195 35.86 -3.88 -9.89
C SER A 195 34.76 -2.89 -10.28
N GLN A 196 33.69 -3.44 -10.86
CA GLN A 196 32.60 -2.65 -11.40
C GLN A 196 31.44 -2.48 -10.41
N ARG A 197 31.61 -2.93 -9.17
CA ARG A 197 30.55 -2.89 -8.18
C ARG A 197 30.99 -2.12 -6.95
N LEU A 198 30.08 -1.29 -6.43
CA LEU A 198 30.32 -0.56 -5.18
C LEU A 198 30.10 -1.49 -4.01
N TYR A 199 31.11 -1.63 -3.16
CA TYR A 199 31.04 -2.54 -2.02
C TYR A 199 30.75 -1.72 -0.75
N ILE A 200 29.53 -1.86 -0.26
CA ILE A 200 29.07 -1.14 0.93
C ILE A 200 29.23 -2.06 2.13
N LEU A 201 30.12 -1.69 3.05
CA LEU A 201 30.37 -2.47 4.24
C LEU A 201 29.29 -2.20 5.28
N LEU A 202 28.77 -3.25 5.90
CA LEU A 202 27.73 -3.18 6.92
C LEU A 202 28.26 -3.87 8.17
N PRO A 203 28.94 -3.14 9.05
CA PRO A 203 29.37 -3.72 10.33
C PRO A 203 28.22 -3.74 11.32
N LEU A 204 27.82 -4.94 11.74
CA LEU A 204 26.69 -5.06 12.66
C LEU A 204 27.01 -4.48 14.04
N ASP A 205 28.29 -4.31 14.36
CA ASP A 205 28.68 -3.60 15.59
C ASP A 205 28.64 -2.09 15.42
N CYS A 206 28.35 -1.59 14.21
CA CYS A 206 28.28 -0.18 13.87
C CYS A 206 29.56 0.58 14.17
N GLY A 207 30.69 -0.11 14.22
CA GLY A 207 31.96 0.59 14.34
C GLY A 207 32.44 1.01 12.97
N VAL A 208 32.21 2.27 12.61
CA VAL A 208 32.54 2.78 11.29
C VAL A 208 33.64 3.83 11.44
N PRO A 209 34.90 3.48 11.20
CA PRO A 209 35.96 4.49 11.28
C PRO A 209 35.81 5.53 10.18
N ASP A 210 36.18 6.77 10.51
CA ASP A 210 36.16 7.83 9.49
C ASP A 210 37.16 7.52 8.39
N ASN A 211 38.33 7.03 8.74
CA ASN A 211 39.35 6.60 7.78
C ASN A 211 39.31 5.07 7.72
N LEU A 212 38.95 4.53 6.57
CA LEU A 212 38.75 3.09 6.45
C LEU A 212 40.06 2.32 6.60
N SER A 213 41.20 2.99 6.42
CA SER A 213 42.49 2.32 6.57
C SER A 213 42.69 1.83 8.00
N MET A 214 42.25 2.61 8.99
CA MET A 214 42.40 2.22 10.39
C MET A 214 41.62 0.94 10.72
N ALA A 215 40.57 0.62 9.96
CA ALA A 215 39.83 -0.59 10.22
C ALA A 215 40.71 -1.83 10.04
N ASP A 216 41.53 -1.84 9.00
CA ASP A 216 42.47 -2.93 8.75
C ASP A 216 43.59 -2.45 7.83
N PRO A 217 44.85 -2.61 8.23
CA PRO A 217 45.95 -2.09 7.40
C PRO A 217 46.05 -2.72 6.03
N ASN A 218 45.47 -3.91 5.82
CA ASN A 218 45.57 -4.57 4.52
C ASN A 218 44.78 -3.87 3.43
N ILE A 219 43.89 -2.95 3.79
CA ILE A 219 43.17 -2.12 2.82
C ILE A 219 43.88 -0.78 2.77
N ARG A 220 44.24 -0.34 1.57
CA ARG A 220 44.87 0.98 1.47
C ARG A 220 44.31 1.75 0.28
N PHE A 221 44.05 3.04 0.52
CA PHE A 221 43.48 3.91 -0.52
C PHE A 221 44.45 4.03 -1.68
N LEU A 222 43.92 3.91 -2.90
CA LEU A 222 44.75 3.90 -4.10
C LEU A 222 44.59 5.17 -4.94
N ASP A 223 43.36 5.50 -5.33
CA ASP A 223 43.09 6.68 -6.14
C ASP A 223 41.63 7.06 -5.95
N LYS A 224 41.24 8.18 -6.55
CA LYS A 224 39.89 8.69 -6.45
C LYS A 224 39.22 8.65 -7.82
N LEU A 225 37.98 8.18 -7.84
CA LEU A 225 37.20 8.21 -9.07
C LEU A 225 36.93 9.66 -9.45
N PRO A 226 36.69 9.93 -10.74
CA PRO A 226 36.36 11.30 -11.15
C PRO A 226 35.13 11.81 -10.40
N GLN A 227 35.20 13.07 -9.98
CA GLN A 227 34.14 13.65 -9.17
C GLN A 227 32.85 13.75 -9.97
N GLN A 228 31.74 13.36 -9.34
CA GLN A 228 30.43 13.47 -9.94
C GLN A 228 29.76 14.73 -9.41
N THR A 229 29.59 15.73 -10.27
CA THR A 229 29.01 17.00 -9.88
C THR A 229 27.54 17.04 -10.30
N GLY A 230 26.66 17.24 -9.32
CA GLY A 230 25.23 17.28 -9.61
C GLY A 230 24.48 18.03 -8.55
N ASP A 231 23.38 18.66 -8.96
CA ASP A 231 22.50 19.35 -8.03
C ASP A 231 21.72 18.34 -7.20
N HIS A 232 21.50 18.66 -5.93
CA HIS A 232 20.71 17.79 -5.06
C HIS A 232 20.25 18.57 -3.84
N ALA A 233 18.94 18.63 -3.64
CA ALA A 233 18.32 19.18 -2.43
C ALA A 233 18.82 20.59 -2.11
N GLY A 234 18.93 21.41 -3.15
CA GLY A 234 19.30 22.79 -2.96
C GLY A 234 20.79 23.05 -2.81
N ILE A 235 21.63 22.02 -2.92
CA ILE A 235 23.07 22.18 -2.92
C ILE A 235 23.51 22.17 -4.39
N LYS A 236 23.87 23.34 -4.91
CA LYS A 236 24.27 23.43 -6.30
C LYS A 236 25.67 22.87 -6.50
N ASP A 237 25.81 22.00 -7.50
CA ASP A 237 27.09 21.37 -7.83
C ASP A 237 27.65 20.57 -6.66
N ARG A 238 26.79 19.77 -6.04
CA ARG A 238 27.25 18.85 -5.00
C ARG A 238 28.19 17.81 -5.62
N VAL A 239 29.29 17.54 -4.94
CA VAL A 239 30.38 16.74 -5.48
C VAL A 239 30.43 15.40 -4.76
N TYR A 240 30.32 14.32 -5.53
CA TYR A 240 30.52 12.96 -5.04
C TYR A 240 31.88 12.51 -5.52
N SER A 241 32.87 12.54 -4.62
CA SER A 241 34.23 12.11 -4.93
C SER A 241 34.46 10.76 -4.25
N ASN A 242 34.06 9.69 -4.91
CA ASN A 242 34.30 8.35 -4.41
C ASN A 242 35.76 7.99 -4.55
N SER A 243 36.21 7.05 -3.71
CA SER A 243 37.60 6.62 -3.68
C SER A 243 37.68 5.11 -3.88
N ILE A 244 38.81 4.67 -4.42
CA ILE A 244 39.06 3.25 -4.64
C ILE A 244 40.14 2.78 -3.68
N TYR A 245 40.04 1.53 -3.26
CA TYR A 245 40.98 0.94 -2.33
C TYR A 245 41.56 -0.32 -2.93
N GLU A 246 42.75 -0.69 -2.48
CA GLU A 246 43.36 -1.95 -2.89
C GLU A 246 43.47 -2.86 -1.68
N LEU A 247 43.30 -4.14 -1.94
CA LEU A 247 43.20 -5.20 -0.94
C LEU A 247 44.42 -6.08 -1.07
N LEU A 248 45.16 -6.22 0.02
CA LEU A 248 46.45 -6.90 0.02
C LEU A 248 46.35 -8.29 0.63
N GLU A 249 47.09 -9.23 0.03
CA GLU A 249 47.21 -10.59 0.53
C GLU A 249 48.69 -10.90 0.69
N ASN A 250 49.16 -10.98 1.93
CA ASN A 250 50.58 -11.21 2.23
C ASN A 250 51.46 -10.15 1.59
N GLY A 251 50.97 -8.91 1.54
CA GLY A 251 51.71 -7.79 1.01
C GLY A 251 51.59 -7.59 -0.48
N GLN A 252 50.94 -8.49 -1.20
CA GLN A 252 50.75 -8.37 -2.64
C GLN A 252 49.36 -7.82 -2.92
N ARG A 253 49.22 -7.14 -4.05
CA ARG A 253 47.95 -6.52 -4.42
C ARG A 253 46.97 -7.60 -4.86
N ALA A 254 46.23 -8.17 -3.90
CA ALA A 254 45.27 -9.21 -4.22
C ALA A 254 44.14 -8.68 -5.09
N GLY A 255 43.63 -7.49 -4.78
CA GLY A 255 42.54 -6.95 -5.56
C GLY A 255 42.42 -5.44 -5.39
N THR A 256 41.41 -4.88 -6.04
CA THR A 256 41.09 -3.47 -5.90
C THR A 256 39.61 -3.27 -6.18
N CYS A 257 39.00 -2.33 -5.47
CA CYS A 257 37.55 -2.17 -5.54
C CYS A 257 37.15 -0.80 -5.00
N VAL A 258 35.90 -0.42 -5.30
CA VAL A 258 35.32 0.82 -4.78
C VAL A 258 34.62 0.45 -3.48
N LEU A 259 35.37 0.54 -2.38
CA LEU A 259 34.90 0.15 -1.06
C LEU A 259 34.50 1.38 -0.26
N GLU A 260 33.36 1.28 0.44
CA GLU A 260 32.95 2.36 1.32
C GLU A 260 32.01 1.82 2.38
N TYR A 261 31.83 2.59 3.45
CA TYR A 261 30.96 2.23 4.55
C TYR A 261 29.56 2.80 4.37
N ALA A 262 28.64 2.32 5.18
CA ALA A 262 27.27 2.86 5.22
C ALA A 262 27.19 3.87 6.35
N THR A 263 27.04 5.14 5.99
CA THR A 263 26.97 6.20 7.00
C THR A 263 25.81 6.05 7.99
N PRO A 264 24.62 5.59 7.61
CA PRO A 264 23.55 5.44 8.63
C PRO A 264 23.94 4.52 9.78
N LEU A 265 24.78 3.52 9.55
CA LEU A 265 25.26 2.70 10.65
C LEU A 265 26.12 3.50 11.61
N GLN A 266 26.97 4.37 11.09
CA GLN A 266 27.76 5.24 11.95
C GLN A 266 26.87 6.18 12.75
N THR A 267 25.82 6.70 12.11
CA THR A 267 24.89 7.55 12.85
C THR A 267 24.11 6.76 13.90
N LEU A 268 23.81 5.48 13.64
CA LEU A 268 23.19 4.64 14.64
C LEU A 268 24.10 4.44 15.84
N PHE A 269 25.39 4.20 15.59
CA PHE A 269 26.35 4.08 16.68
C PHE A 269 26.43 5.37 17.48
N ALA A 270 26.45 6.51 16.79
CA ALA A 270 26.50 7.79 17.48
C ALA A 270 25.25 8.01 18.33
N MET A 271 24.08 7.66 17.79
CA MET A 271 22.84 7.75 18.57
C MET A 271 22.93 6.90 19.82
N SER A 272 23.47 5.69 19.71
CA SER A 272 23.67 4.87 20.89
C SER A 272 24.62 5.52 21.87
N GLN A 273 25.59 6.30 21.37
CA GLN A 273 26.51 6.99 22.27
C GLN A 273 25.85 8.16 22.97
N TYR A 274 25.08 8.98 22.24
CA TYR A 274 24.43 10.13 22.84
C TYR A 274 23.36 9.71 23.84
N SER A 275 23.20 10.53 24.89
CA SER A 275 22.20 10.29 25.92
C SER A 275 20.84 10.86 25.55
N GLN A 276 20.80 12.01 24.88
CA GLN A 276 19.54 12.61 24.49
C GLN A 276 18.81 11.83 23.41
N ALA A 277 19.51 10.92 22.73
CA ALA A 277 18.89 10.19 21.63
C ALA A 277 17.89 9.15 22.10
N GLY A 278 17.93 8.75 23.37
CA GLY A 278 17.07 7.68 23.84
C GLY A 278 17.31 6.38 23.10
N PHE A 279 18.57 6.06 22.83
CA PHE A 279 18.94 4.92 22.00
C PHE A 279 19.90 4.04 22.78
N SER A 280 19.57 2.76 22.91
CA SER A 280 20.37 1.83 23.70
C SER A 280 21.19 0.92 22.80
N ARG A 281 22.14 0.22 23.42
CA ARG A 281 23.01 -0.69 22.66
C ARG A 281 22.22 -1.83 22.04
N GLU A 282 21.27 -2.39 22.80
CA GLU A 282 20.42 -3.43 22.24
C GLU A 282 19.57 -2.89 21.09
N ASP A 283 18.99 -1.71 21.27
CA ASP A 283 18.28 -1.05 20.18
C ASP A 283 19.21 -0.76 19.02
N ARG A 284 20.46 -0.38 19.32
CA ARG A 284 21.43 -0.13 18.27
C ARG A 284 21.66 -1.36 17.42
N LEU A 285 21.83 -2.52 18.07
CA LEU A 285 22.07 -3.76 17.33
C LEU A 285 20.84 -4.18 16.53
N GLU A 286 19.65 -4.10 17.14
CA GLU A 286 18.42 -4.45 16.43
C GLU A 286 18.23 -3.57 15.20
N GLN A 287 18.45 -2.27 15.34
CA GLN A 287 18.25 -1.36 14.22
C GLN A 287 19.35 -1.50 13.18
N ALA A 288 20.56 -1.88 13.58
CA ALA A 288 21.60 -2.15 12.61
C ALA A 288 21.24 -3.35 11.74
N LYS A 289 20.81 -4.44 12.39
CA LYS A 289 20.42 -5.62 11.63
C LYS A 289 19.20 -5.33 10.75
N LEU A 290 18.25 -4.55 11.26
CA LEU A 290 17.07 -4.22 10.49
C LEU A 290 17.41 -3.31 9.32
N PHE A 291 18.34 -2.38 9.50
CA PHE A 291 18.80 -1.55 8.39
C PHE A 291 19.47 -2.40 7.32
N CYS A 292 20.30 -3.36 7.73
CA CYS A 292 20.92 -4.24 6.75
C CYS A 292 19.87 -5.04 5.98
N ARG A 293 18.87 -5.57 6.69
CA ARG A 293 17.82 -6.36 6.02
C ARG A 293 17.01 -5.50 5.06
N THR A 294 16.63 -4.29 5.50
CA THR A 294 15.83 -3.41 4.65
C THR A 294 16.62 -2.96 3.42
N LEU A 295 17.90 -2.64 3.59
CA LEU A 295 18.72 -2.27 2.44
C LEU A 295 18.88 -3.43 1.48
N GLU A 296 19.05 -4.64 2.00
CA GLU A 296 19.13 -5.81 1.13
C GLU A 296 17.86 -5.99 0.33
N ASP A 297 16.70 -5.86 0.99
CA ASP A 297 15.42 -5.99 0.28
C ASP A 297 15.27 -4.91 -0.78
N ILE A 298 15.63 -3.67 -0.44
CA ILE A 298 15.51 -2.56 -1.39
C ILE A 298 16.38 -2.82 -2.61
N LEU A 299 17.65 -3.19 -2.39
CA LEU A 299 18.54 -3.46 -3.50
C LEU A 299 18.08 -4.65 -4.32
N ALA A 300 17.46 -5.65 -3.68
CA ALA A 300 16.91 -6.78 -4.42
C ALA A 300 15.77 -6.33 -5.32
N ASP A 301 14.94 -5.40 -4.86
CA ASP A 301 13.80 -4.95 -5.64
C ASP A 301 14.11 -3.74 -6.52
N ALA A 302 15.10 -2.91 -6.14
CA ALA A 302 15.36 -1.69 -6.88
C ALA A 302 15.88 -1.98 -8.28
N PRO A 303 15.52 -1.14 -9.26
CA PRO A 303 16.05 -1.32 -10.62
C PRO A 303 17.43 -0.71 -10.80
N GLU A 304 17.76 0.26 -9.95
CA GLU A 304 19.09 0.89 -10.04
C GLU A 304 20.20 -0.11 -9.76
N SER A 305 20.01 -0.97 -8.76
CA SER A 305 21.01 -1.96 -8.39
C SER A 305 20.76 -3.24 -9.19
N GLN A 306 21.51 -3.41 -10.27
CA GLN A 306 21.48 -4.63 -11.09
C GLN A 306 22.93 -4.97 -11.39
N ASN A 307 23.52 -5.83 -10.55
CA ASN A 307 24.95 -6.15 -10.62
C ASN A 307 25.80 -4.89 -10.52
N ASN A 308 25.34 -3.92 -9.74
CA ASN A 308 26.02 -2.64 -9.59
C ASN A 308 26.48 -2.37 -8.17
N CYS A 309 25.82 -2.93 -7.16
CA CYS A 309 26.16 -2.71 -5.77
C CYS A 309 26.14 -4.02 -5.01
N ARG A 310 27.09 -4.20 -4.11
CA ARG A 310 27.18 -5.40 -3.28
C ARG A 310 27.37 -4.99 -1.83
N LEU A 311 26.60 -5.63 -0.95
CA LEU A 311 26.62 -5.34 0.48
C LEU A 311 27.45 -6.39 1.20
N ILE A 312 28.43 -5.94 1.98
CA ILE A 312 29.32 -6.81 2.72
C ILE A 312 28.93 -6.73 4.19
N ALA A 313 28.04 -7.60 4.64
CA ALA A 313 27.56 -7.55 6.02
C ALA A 313 28.44 -8.45 6.89
N TYR A 314 28.92 -7.90 8.00
CA TYR A 314 29.83 -8.65 8.84
C TYR A 314 29.68 -8.22 10.30
N GLN A 315 30.12 -9.10 11.19
CA GLN A 315 30.12 -8.83 12.63
C GLN A 315 31.47 -9.23 13.19
N GLU A 316 32.04 -8.35 14.01
CA GLU A 316 33.34 -8.62 14.63
C GLU A 316 33.16 -9.55 15.82
N PRO A 317 33.86 -10.69 15.86
CA PRO A 317 33.74 -11.64 16.96
C PRO A 317 34.51 -11.20 18.20
N PHE A 323 40.15 -11.79 13.07
CA PHE A 323 39.25 -11.19 12.10
C PHE A 323 39.98 -10.14 11.27
N SER A 324 39.67 -10.08 9.97
CA SER A 324 40.24 -9.11 9.06
C SER A 324 39.23 -8.79 7.98
N LEU A 325 38.95 -7.50 7.78
CA LEU A 325 37.97 -7.09 6.79
C LEU A 325 38.44 -7.38 5.37
N SER A 326 39.75 -7.25 5.13
CA SER A 326 40.29 -7.49 3.80
C SER A 326 40.00 -8.90 3.32
N GLN A 327 40.12 -9.88 4.22
CA GLN A 327 39.84 -11.26 3.83
C GLN A 327 38.39 -11.45 3.41
N GLU A 328 37.46 -10.84 4.14
CA GLU A 328 36.05 -10.94 3.77
C GLU A 328 35.78 -10.27 2.43
N VAL A 329 36.36 -9.10 2.19
CA VAL A 329 36.12 -8.40 0.94
C VAL A 329 36.72 -9.18 -0.23
N LEU A 330 37.91 -9.77 -0.03
CA LEU A 330 38.49 -10.63 -1.06
C LEU A 330 37.63 -11.87 -1.30
N ARG A 331 37.08 -12.46 -0.24
CA ARG A 331 36.21 -13.61 -0.40
C ARG A 331 34.99 -13.26 -1.22
N HIS A 332 34.43 -12.08 -1.00
CA HIS A 332 33.29 -11.65 -1.82
C HIS A 332 33.72 -11.27 -3.23
N LEU A 333 34.99 -10.89 -3.41
CA LEU A 333 35.49 -10.62 -4.76
C LEU A 333 35.47 -11.87 -5.63
N SER B 5 7.85 26.47 18.88
CA SER B 5 7.70 27.77 18.23
C SER B 5 8.21 27.73 16.80
N LEU B 6 8.69 26.56 16.38
CA LEU B 6 9.19 26.40 15.01
C LEU B 6 8.07 26.62 13.99
N HIS B 7 6.89 26.04 14.25
CA HIS B 7 5.75 26.19 13.36
C HIS B 7 4.50 25.86 14.14
N PRO B 8 3.39 26.59 13.93
CA PRO B 8 2.16 26.28 14.69
C PRO B 8 1.65 24.87 14.47
N SER B 9 1.82 24.30 13.29
CA SER B 9 1.31 22.97 12.99
C SER B 9 2.18 21.86 13.56
N ILE B 10 3.33 22.18 14.14
CA ILE B 10 4.21 21.17 14.72
C ILE B 10 3.56 20.62 15.98
N PRO B 11 3.37 19.30 16.08
CA PRO B 11 2.69 18.75 17.26
C PRO B 11 3.55 18.85 18.51
N CYS B 12 2.92 19.26 19.61
CA CYS B 12 3.59 19.28 20.89
C CYS B 12 3.69 17.87 21.47
N PRO B 13 4.67 17.61 22.32
CA PRO B 13 4.76 16.28 22.95
C PRO B 13 3.52 15.99 23.79
N ARG B 14 3.11 14.72 23.76
CA ARG B 14 1.92 14.30 24.50
C ARG B 14 2.14 14.47 26.00
N GLY B 15 1.12 15.00 26.67
CA GLY B 15 1.22 15.21 28.11
C GLY B 15 0.65 14.07 28.92
N HIS B 16 -0.21 14.39 29.88
CA HIS B 16 -0.83 13.41 30.75
C HIS B 16 -2.34 13.56 30.74
N GLY B 17 -2.90 13.90 29.56
CA GLY B 17 -4.34 14.03 29.46
C GLY B 17 -5.06 12.71 29.68
N ALA B 18 -4.49 11.62 29.17
CA ALA B 18 -5.08 10.30 29.42
C ALA B 18 -5.06 9.96 30.89
N GLN B 19 -3.99 10.31 31.60
CA GLN B 19 -3.92 10.06 33.03
C GLN B 19 -4.96 10.88 33.78
N LYS B 20 -5.16 12.14 33.38
CA LYS B 20 -6.19 12.96 34.03
C LYS B 20 -7.58 12.40 33.77
N ALA B 21 -7.84 11.96 32.53
CA ALA B 21 -9.12 11.34 32.23
C ALA B 21 -9.33 10.07 33.04
N ALA B 22 -8.28 9.26 33.19
CA ALA B 22 -8.39 8.06 33.99
C ALA B 22 -8.65 8.40 35.46
N LEU B 23 -8.01 9.44 35.98
CA LEU B 23 -8.27 9.86 37.35
C LEU B 23 -9.72 10.31 37.53
N VAL B 24 -10.24 11.08 36.56
CA VAL B 24 -11.63 11.52 36.63
C VAL B 24 -12.58 10.34 36.55
N LEU B 25 -12.28 9.37 35.66
CA LEU B 25 -13.11 8.17 35.56
C LEU B 25 -13.07 7.37 36.85
N LEU B 26 -11.88 7.25 37.47
CA LEU B 26 -11.76 6.56 38.74
C LEU B 26 -12.58 7.24 39.82
N SER B 27 -12.54 8.58 39.87
CA SER B 27 -13.32 9.31 40.85
C SER B 27 -14.81 9.10 40.63
N ALA B 28 -15.26 9.20 39.38
CA ALA B 28 -16.68 9.02 39.08
C ALA B 28 -17.13 7.60 39.41
N CYS B 29 -16.29 6.61 39.14
CA CYS B 29 -16.62 5.23 39.48
C CYS B 29 -16.71 5.06 40.99
N LEU B 30 -15.78 5.64 41.75
CA LEU B 30 -15.88 5.55 43.20
C LEU B 30 -17.16 6.19 43.71
N VAL B 31 -17.53 7.35 43.14
CA VAL B 31 -18.76 8.01 43.55
C VAL B 31 -19.98 7.13 43.25
N THR B 32 -20.02 6.50 42.07
CA THR B 32 -21.20 5.72 41.75
C THR B 32 -21.26 4.41 42.54
N LEU B 33 -20.12 3.77 42.82
CA LEU B 33 -20.12 2.64 43.74
C LEU B 33 -20.64 3.04 45.12
N TRP B 34 -20.22 4.21 45.61
CA TRP B 34 -20.74 4.67 46.89
C TRP B 34 -22.24 4.96 46.79
N GLY B 35 -22.68 5.46 45.63
CA GLY B 35 -24.08 5.79 45.42
C GLY B 35 -25.02 4.61 45.38
N LEU B 36 -24.62 3.50 44.74
CA LEU B 36 -25.50 2.33 44.69
C LEU B 36 -25.77 1.74 46.06
N GLY B 37 -24.93 2.03 47.05
CA GLY B 37 -25.15 1.54 48.40
C GLY B 37 -25.20 0.04 48.49
N GLU B 38 -24.23 -0.62 47.86
CA GLU B 38 -24.21 -2.06 47.75
C GLU B 38 -22.88 -2.56 48.29
N PRO B 39 -22.88 -3.68 49.03
CA PRO B 39 -21.73 -4.01 49.90
C PRO B 39 -20.42 -4.04 49.13
N PRO B 40 -19.34 -3.57 49.74
CA PRO B 40 -18.07 -3.45 49.01
C PRO B 40 -17.21 -4.70 49.04
N GLU B 41 -17.53 -5.70 49.86
CA GLU B 41 -16.80 -6.96 49.80
C GLU B 41 -16.98 -7.63 48.45
N HIS B 42 -18.22 -7.64 47.95
CA HIS B 42 -18.48 -8.16 46.61
C HIS B 42 -17.79 -7.31 45.55
N THR B 43 -17.74 -6.00 45.77
CA THR B 43 -17.01 -5.11 44.86
C THR B 43 -15.54 -5.51 44.77
N LEU B 44 -14.88 -5.66 45.92
CA LEU B 44 -13.47 -6.02 45.92
C LEU B 44 -13.26 -7.40 45.31
N ARG B 45 -14.16 -8.34 45.58
CA ARG B 45 -14.04 -9.67 45.01
C ARG B 45 -14.14 -9.62 43.49
N TYR B 46 -15.11 -8.88 42.97
CA TYR B 46 -15.26 -8.76 41.52
C TYR B 46 -14.06 -8.08 40.90
N LEU B 47 -13.55 -7.02 41.52
CA LEU B 47 -12.41 -6.31 40.97
C LEU B 47 -11.16 -7.20 40.95
N VAL B 48 -10.90 -7.90 42.04
CA VAL B 48 -9.74 -8.78 42.09
C VAL B 48 -9.87 -9.89 41.05
N LEU B 49 -11.07 -10.45 40.89
CA LEU B 49 -11.25 -11.51 39.90
C LEU B 49 -11.07 -10.98 38.48
N HIS B 50 -11.55 -9.76 38.21
CA HIS B 50 -11.38 -9.18 36.88
C HIS B 50 -9.91 -8.95 36.56
N LEU B 51 -9.16 -8.38 37.51
CA LEU B 51 -7.73 -8.19 37.27
C LEU B 51 -7.00 -9.52 37.16
N ALA B 52 -7.43 -10.53 37.91
CA ALA B 52 -6.83 -11.85 37.78
C ALA B 52 -7.07 -12.44 36.40
N SER B 53 -8.29 -12.28 35.88
CA SER B 53 -8.59 -12.75 34.54
C SER B 53 -7.75 -12.00 33.50
N LEU B 54 -7.59 -10.70 33.68
CA LEU B 54 -6.75 -9.93 32.76
C LEU B 54 -5.31 -10.41 32.79
N GLN B 55 -4.79 -10.70 33.99
CA GLN B 55 -3.42 -11.20 34.10
C GLN B 55 -3.25 -12.55 33.43
N LEU B 56 -4.23 -13.44 33.61
CA LEU B 56 -4.14 -14.76 32.96
C LEU B 56 -4.26 -14.63 31.46
N GLY B 57 -5.10 -13.71 30.97
CA GLY B 57 -5.16 -13.47 29.53
C GLY B 57 -3.87 -12.93 28.98
N LEU B 58 -3.22 -12.02 29.72
CA LEU B 58 -1.92 -11.53 29.31
C LEU B 58 -0.89 -12.65 29.30
N LEU B 59 -0.97 -13.56 30.27
CA LEU B 59 -0.06 -14.71 30.29
C LEU B 59 -0.25 -15.57 29.04
N LEU B 60 -1.50 -15.85 28.68
CA LEU B 60 -1.75 -16.68 27.50
C LEU B 60 -1.29 -15.98 26.23
N ASN B 61 -1.54 -14.67 26.12
CA ASN B 61 -1.07 -13.92 24.96
C ASN B 61 0.45 -13.94 24.89
N GLY B 62 1.12 -13.78 26.02
CA GLY B 62 2.58 -13.85 26.04
C GLY B 62 3.11 -15.22 25.71
N VAL B 63 2.39 -16.27 26.10
CA VAL B 63 2.80 -17.63 25.73
C VAL B 63 2.70 -17.83 24.22
N CYS B 64 1.63 -17.34 23.61
CA CYS B 64 1.52 -17.41 22.14
C CYS B 64 2.63 -16.61 21.48
N SER B 65 2.91 -15.41 21.99
CA SER B 65 4.00 -14.60 21.44
C SER B 65 5.34 -15.30 21.61
N LEU B 66 5.54 -15.99 22.73
CA LEU B 66 6.77 -16.74 22.93
C LEU B 66 6.89 -17.89 21.94
N ALA B 67 5.78 -18.58 21.68
CA ALA B 67 5.79 -19.62 20.65
C ALA B 67 6.17 -19.02 19.29
N GLU B 68 5.75 -17.79 19.03
CA GLU B 68 6.15 -17.11 17.79
C GLU B 68 7.64 -16.79 17.79
N GLU B 69 8.14 -16.20 18.88
CA GLU B 69 9.49 -15.63 18.91
C GLU B 69 10.58 -16.66 19.20
N LEU B 70 10.23 -17.88 19.60
CA LEU B 70 11.26 -18.86 19.94
C LEU B 70 12.10 -19.25 18.72
N ARG B 71 11.64 -18.96 17.51
CA ARG B 71 12.44 -19.20 16.32
C ARG B 71 13.38 -18.05 15.99
N HIS B 72 13.23 -16.90 16.66
CA HIS B 72 14.14 -15.78 16.54
C HIS B 72 15.10 -15.69 17.71
N ILE B 73 15.31 -16.80 18.43
CA ILE B 73 16.13 -16.77 19.64
C ILE B 73 17.59 -16.47 19.29
N HIS B 74 18.10 -17.08 18.22
CA HIS B 74 19.49 -16.85 17.85
C HIS B 74 19.69 -15.50 17.19
N SER B 75 18.67 -14.99 16.50
CA SER B 75 18.81 -13.73 15.76
C SER B 75 18.60 -12.53 16.67
N ARG B 76 17.41 -12.40 17.26
CA ARG B 76 17.06 -11.23 18.05
C ARG B 76 17.47 -11.34 19.51
N TYR B 77 17.51 -12.54 20.07
CA TYR B 77 17.64 -12.73 21.51
C TYR B 77 18.95 -13.43 21.89
N ARG B 78 19.92 -13.45 20.97
CA ARG B 78 21.29 -13.91 21.27
C ARG B 78 21.33 -15.36 21.74
N GLY B 79 20.40 -16.18 21.28
CA GLY B 79 20.42 -17.59 21.60
C GLY B 79 20.16 -17.92 23.06
N SER B 80 19.54 -17.01 23.80
CA SER B 80 19.22 -17.23 25.20
C SER B 80 17.71 -17.26 25.38
N TYR B 81 17.21 -18.34 25.99
CA TYR B 81 15.77 -18.47 26.20
C TYR B 81 15.26 -17.44 27.21
N TRP B 82 16.09 -17.05 28.17
CA TRP B 82 15.66 -16.11 29.20
C TRP B 82 15.31 -14.76 28.59
N ARG B 83 16.11 -14.30 27.62
CA ARG B 83 15.82 -13.02 26.97
C ARG B 83 14.53 -13.09 26.18
N THR B 84 14.28 -14.21 25.49
CA THR B 84 13.03 -14.36 24.75
C THR B 84 11.83 -14.36 25.70
N VAL B 85 11.94 -15.07 26.82
CA VAL B 85 10.84 -15.12 27.79
C VAL B 85 10.61 -13.74 28.39
N ARG B 86 11.69 -13.00 28.68
CA ARG B 86 11.53 -11.64 29.19
C ARG B 86 10.86 -10.74 28.15
N ALA B 87 11.23 -10.89 26.88
CA ALA B 87 10.64 -10.07 25.83
C ALA B 87 9.14 -10.35 25.68
N CYS B 88 8.76 -11.62 25.77
CA CYS B 88 7.37 -11.99 25.51
C CYS B 88 6.47 -11.91 26.74
N LEU B 89 7.03 -11.94 27.95
CA LEU B 89 6.23 -11.96 29.17
C LEU B 89 6.60 -10.85 30.14
N GLY B 90 7.33 -9.83 29.69
CA GLY B 90 7.77 -8.82 30.62
C GLY B 90 8.80 -9.38 31.59
N CYS B 91 8.88 -8.75 32.75
CA CYS B 91 9.81 -9.23 33.78
C CYS B 91 9.36 -10.58 34.29
N PRO B 92 10.18 -11.63 34.18
CA PRO B 92 9.72 -12.97 34.58
C PRO B 92 9.33 -13.06 36.05
N LEU B 93 10.06 -12.40 36.94
CA LEU B 93 9.77 -12.53 38.37
C LEU B 93 8.46 -11.84 38.74
N ARG B 94 8.27 -10.59 38.30
CA ARG B 94 7.03 -9.89 38.62
C ARG B 94 5.84 -10.55 37.94
N ARG B 95 6.01 -10.97 36.68
CA ARG B 95 4.92 -11.63 35.97
C ARG B 95 4.56 -12.95 36.66
N GLY B 96 5.56 -13.71 37.08
CA GLY B 96 5.28 -14.95 37.80
C GLY B 96 4.56 -14.71 39.11
N ALA B 97 5.01 -13.69 39.87
CA ALA B 97 4.35 -13.38 41.13
C ALA B 97 2.89 -12.99 40.89
N LEU B 98 2.64 -12.16 39.87
CA LEU B 98 1.28 -11.73 39.58
C LEU B 98 0.42 -12.89 39.12
N LEU B 99 0.98 -13.82 38.34
CA LEU B 99 0.19 -14.97 37.89
C LEU B 99 -0.13 -15.92 39.04
N LEU B 100 0.82 -16.20 39.93
CA LEU B 100 0.50 -17.04 41.08
C LEU B 100 -0.54 -16.36 41.97
N LEU B 101 -0.41 -15.05 42.20
CA LEU B 101 -1.40 -14.34 43.00
C LEU B 101 -2.78 -14.40 42.35
N SER B 102 -2.83 -14.20 41.03
CA SER B 102 -4.10 -14.21 40.33
C SER B 102 -4.73 -15.60 40.35
N ILE B 103 -3.92 -16.65 40.19
CA ILE B 103 -4.45 -18.01 40.24
C ILE B 103 -5.00 -18.31 41.63
N TYR B 104 -4.26 -17.91 42.67
CA TYR B 104 -4.72 -18.17 44.03
C TYR B 104 -6.03 -17.43 44.32
N PHE B 105 -6.12 -16.17 43.90
CA PHE B 105 -7.34 -15.41 44.14
C PHE B 105 -8.50 -15.94 43.33
N TYR B 106 -8.25 -16.38 42.09
CA TYR B 106 -9.30 -16.93 41.25
C TYR B 106 -9.84 -18.22 41.83
N TYR B 107 -8.96 -19.10 42.31
CA TYR B 107 -9.41 -20.38 42.84
C TYR B 107 -10.07 -20.21 44.21
N SER B 108 -9.47 -19.39 45.07
CA SER B 108 -9.95 -19.28 46.45
C SER B 108 -11.27 -18.53 46.54
N LEU B 109 -11.39 -17.42 45.81
CA LEU B 109 -12.62 -16.63 45.89
C LEU B 109 -13.79 -17.44 45.34
N PRO B 110 -14.96 -17.40 45.99
CA PRO B 110 -16.13 -18.24 45.66
C PRO B 110 -16.67 -17.99 44.26
N PRO B 116 -16.94 -22.41 38.49
CA PRO B 116 -15.73 -23.23 38.62
C PRO B 116 -14.46 -22.43 38.37
N PHE B 117 -13.33 -23.11 38.23
CA PHE B 117 -12.06 -22.47 37.89
C PHE B 117 -11.51 -22.96 36.56
N THR B 118 -11.39 -24.27 36.38
CA THR B 118 -10.85 -24.81 35.14
C THR B 118 -11.76 -24.50 33.96
N TRP B 119 -13.06 -24.45 34.20
CA TRP B 119 -13.99 -24.04 33.15
C TRP B 119 -13.77 -22.58 32.76
N MET B 120 -13.66 -21.71 33.76
CA MET B 120 -13.38 -20.30 33.48
C MET B 120 -12.02 -20.14 32.81
N LEU B 121 -11.03 -20.94 33.24
CA LEU B 121 -9.71 -20.87 32.62
C LEU B 121 -9.76 -21.27 31.15
N ALA B 122 -10.47 -22.36 30.84
CA ALA B 122 -10.60 -22.79 29.45
C ALA B 122 -11.34 -21.75 28.61
N LEU B 123 -12.39 -21.16 29.17
CA LEU B 123 -13.15 -20.17 28.43
C LEU B 123 -12.34 -18.90 28.19
N LEU B 124 -11.54 -18.50 29.19
CA LEU B 124 -10.64 -17.36 29.02
C LEU B 124 -9.56 -17.65 27.98
N GLY B 125 -9.03 -18.88 27.97
CA GLY B 125 -8.09 -19.25 26.93
C GLY B 125 -8.71 -19.20 25.56
N LEU B 126 -9.96 -19.65 25.42
CA LEU B 126 -10.67 -19.53 24.16
C LEU B 126 -10.82 -18.07 23.74
N SER B 127 -11.18 -17.22 24.69
CA SER B 127 -11.34 -15.80 24.38
C SER B 127 -10.02 -15.17 23.93
N GLN B 128 -8.91 -15.53 24.59
CA GLN B 128 -7.61 -15.00 24.19
C GLN B 128 -7.20 -15.53 22.83
N ALA B 129 -7.49 -16.79 22.54
CA ALA B 129 -7.21 -17.33 21.22
C ALA B 129 -7.99 -16.59 20.14
N LEU B 130 -9.26 -16.29 20.40
CA LEU B 130 -10.04 -15.49 19.47
C LEU B 130 -9.47 -14.10 19.31
N ASN B 131 -9.03 -13.49 20.40
CA ASN B 131 -8.43 -12.16 20.34
C ASN B 131 -7.20 -12.16 19.45
N ILE B 132 -6.37 -13.19 19.58
CA ILE B 132 -5.15 -13.26 18.76
C ILE B 132 -5.50 -13.54 17.30
N LEU B 133 -6.40 -14.49 17.05
CA LEU B 133 -6.65 -14.94 15.68
C LEU B 133 -7.42 -13.90 14.87
N LEU B 134 -8.47 -13.33 15.44
CA LEU B 134 -9.28 -12.34 14.74
C LEU B 134 -8.81 -10.91 14.96
N GLY B 135 -7.84 -10.70 15.84
CA GLY B 135 -7.34 -9.36 16.11
C GLY B 135 -8.33 -8.43 16.78
N LEU B 136 -9.09 -8.93 17.76
CA LEU B 136 -9.99 -8.06 18.50
C LEU B 136 -9.23 -7.00 19.28
N LYS B 137 -8.16 -7.39 19.96
CA LYS B 137 -7.37 -6.48 20.78
C LYS B 137 -6.18 -6.01 19.95
N GLY B 138 -6.45 -5.03 19.08
CA GLY B 138 -5.44 -4.41 18.26
C GLY B 138 -4.82 -3.21 18.91
N LEU B 139 -4.44 -2.23 18.09
CA LEU B 139 -3.83 -1.00 18.58
C LEU B 139 -4.37 0.16 17.77
N ALA B 140 -5.04 1.10 18.43
CA ALA B 140 -5.57 2.26 17.74
C ALA B 140 -4.43 3.16 17.27
N PRO B 141 -4.63 3.92 16.20
CA PRO B 141 -3.56 4.80 15.70
C PRO B 141 -3.01 5.75 16.75
N ALA B 142 -3.88 6.29 17.62
CA ALA B 142 -3.39 7.15 18.69
C ALA B 142 -2.50 6.37 19.66
N GLU B 143 -2.88 5.14 19.98
CA GLU B 143 -2.06 4.33 20.87
C GLU B 143 -0.71 4.02 20.25
N ILE B 144 -0.69 3.65 18.97
CA ILE B 144 0.58 3.37 18.30
C ILE B 144 1.44 4.62 18.26
N SER B 145 0.84 5.77 17.97
CA SER B 145 1.60 7.01 17.94
C SER B 145 2.19 7.32 19.31
N ALA B 146 1.40 7.14 20.38
CA ALA B 146 1.90 7.41 21.71
C ALA B 146 3.04 6.48 22.09
N VAL B 147 2.90 5.18 21.78
CA VAL B 147 3.94 4.21 22.09
C VAL B 147 5.22 4.54 21.32
N CYS B 148 5.09 4.87 20.04
CA CYS B 148 6.26 5.19 19.23
C CYS B 148 6.94 6.46 19.72
N GLU B 149 6.16 7.47 20.09
CA GLU B 149 6.74 8.70 20.61
C GLU B 149 7.46 8.46 21.94
N LYS B 150 6.87 7.64 22.82
CA LYS B 150 7.50 7.34 24.10
C LYS B 150 8.79 6.56 23.91
N GLY B 151 8.76 5.52 23.08
CA GLY B 151 9.93 4.69 22.84
C GLY B 151 10.83 5.13 21.72
N ASN B 152 10.54 6.26 21.09
CA ASN B 152 11.34 6.79 19.98
C ASN B 152 11.44 5.79 18.84
N PHE B 153 10.34 5.10 18.54
CA PHE B 153 10.27 4.19 17.41
C PHE B 153 9.74 4.90 16.16
N ASN B 154 10.36 6.02 15.81
CA ASN B 154 9.92 6.84 14.69
C ASN B 154 10.97 6.88 13.61
N VAL B 155 10.52 6.90 12.36
CA VAL B 155 11.43 7.13 11.24
C VAL B 155 12.08 8.50 11.36
N ALA B 156 11.29 9.51 11.75
CA ALA B 156 11.80 10.88 11.84
C ALA B 156 12.85 11.02 12.92
N HIS B 157 12.73 10.30 14.03
CA HIS B 157 13.72 10.40 15.10
C HIS B 157 15.09 9.99 14.60
N GLY B 158 15.19 8.80 14.00
CA GLY B 158 16.46 8.36 13.44
C GLY B 158 16.93 9.25 12.32
N LEU B 159 16.00 9.70 11.47
CA LEU B 159 16.39 10.55 10.35
C LEU B 159 17.01 11.87 10.83
N ALA B 160 16.41 12.51 11.82
CA ALA B 160 16.91 13.79 12.29
C ALA B 160 18.19 13.63 13.09
N TRP B 161 18.29 12.57 13.89
CA TRP B 161 19.54 12.35 14.61
C TRP B 161 20.68 12.02 13.65
N SER B 162 20.39 11.27 12.59
CA SER B 162 21.41 11.00 11.58
C SER B 162 21.76 12.24 10.79
N TYR B 163 20.78 13.11 10.53
CA TYR B 163 21.08 14.38 9.85
C TYR B 163 21.98 15.25 10.70
N TYR B 164 21.75 15.28 12.01
CA TYR B 164 22.60 16.08 12.89
C TYR B 164 24.00 15.49 12.98
N ILE B 165 24.10 14.18 13.22
CA ILE B 165 25.41 13.57 13.47
C ILE B 165 26.23 13.50 12.19
N GLY B 166 25.62 13.01 11.10
CA GLY B 166 26.38 12.73 9.90
C GLY B 166 26.67 13.93 9.03
N TYR B 167 25.85 14.98 9.12
CA TYR B 167 26.06 16.16 8.30
C TYR B 167 26.35 17.41 9.12
N LEU B 168 25.45 17.80 10.03
CA LEU B 168 25.60 19.09 10.71
C LEU B 168 26.79 19.08 11.66
N ARG B 169 27.04 17.95 12.31
CA ARG B 169 28.12 17.85 13.28
C ARG B 169 29.50 18.00 12.66
N LEU B 170 29.60 17.91 11.33
CA LEU B 170 30.89 18.04 10.66
C LEU B 170 31.09 19.39 9.99
N ILE B 171 30.02 20.12 9.65
CA ILE B 171 30.15 21.40 9.00
C ILE B 171 29.95 22.58 9.96
N LEU B 172 29.12 22.42 10.99
CA LEU B 172 28.82 23.54 11.87
C LEU B 172 30.05 24.13 12.56
N PRO B 173 31.01 23.34 13.08
CA PRO B 173 32.18 23.97 13.70
C PRO B 173 32.98 24.87 12.77
N GLU B 174 33.11 24.51 11.49
CA GLU B 174 33.97 25.22 10.56
C GLU B 174 33.21 26.13 9.60
N LEU B 175 31.87 26.15 9.67
CA LEU B 175 31.11 27.00 8.77
C LEU B 175 31.41 28.48 9.00
N GLN B 176 31.51 28.88 10.26
CA GLN B 176 31.80 30.29 10.55
C GLN B 176 33.17 30.68 10.02
N ALA B 177 34.16 29.79 10.17
CA ALA B 177 35.50 30.07 9.62
C ALA B 177 35.46 30.18 8.11
N ARG B 178 34.72 29.29 7.45
CA ARG B 178 34.61 29.35 5.99
C ARG B 178 33.94 30.65 5.54
N ILE B 179 32.89 31.06 6.24
CA ILE B 179 32.19 32.29 5.91
C ILE B 179 33.10 33.50 6.12
N ARG B 180 33.85 33.52 7.22
CA ARG B 180 34.78 34.63 7.47
C ARG B 180 35.85 34.69 6.38
N THR B 181 36.39 33.54 5.99
CA THR B 181 37.40 33.50 4.93
C THR B 181 36.82 33.99 3.61
N TYR B 182 35.60 33.57 3.27
CA TYR B 182 34.97 34.04 2.05
C TYR B 182 34.74 35.54 2.07
N ASN B 183 34.29 36.07 3.21
CA ASN B 183 34.05 37.50 3.31
C ASN B 183 35.36 38.28 3.20
N GLN B 184 36.43 37.78 3.82
CA GLN B 184 37.73 38.44 3.70
C GLN B 184 38.23 38.41 2.26
N HIS B 185 38.07 37.28 1.58
CA HIS B 185 38.48 37.17 0.18
C HIS B 185 37.59 37.95 -0.77
N TYR B 186 36.41 38.40 -0.32
CA TYR B 186 35.49 39.12 -1.17
C TYR B 186 35.10 40.46 -0.56
N GLY B 192 27.64 43.38 1.30
CA GLY B 192 28.43 42.37 0.65
C GLY B 192 28.94 41.30 1.60
N ALA B 193 28.36 41.25 2.79
CA ALA B 193 28.73 40.28 3.82
C ALA B 193 27.65 39.23 3.93
N VAL B 194 28.06 37.97 3.89
CA VAL B 194 27.13 36.85 4.00
C VAL B 194 26.96 36.47 5.46
N SER B 195 25.76 36.00 5.81
CA SER B 195 25.45 35.71 7.20
C SER B 195 26.27 34.52 7.70
N GLN B 196 26.57 34.55 9.00
CA GLN B 196 27.43 33.56 9.64
C GLN B 196 26.66 32.34 10.12
N ARG B 197 25.49 32.06 9.56
CA ARG B 197 24.67 30.92 9.96
C ARG B 197 24.24 30.13 8.73
N LEU B 198 24.04 28.83 8.94
CA LEU B 198 23.51 27.95 7.91
C LEU B 198 22.00 27.89 8.07
N TYR B 199 21.27 28.47 7.12
CA TYR B 199 19.81 28.48 7.16
C TYR B 199 19.30 27.22 6.47
N ILE B 200 18.70 26.32 7.24
CA ILE B 200 18.19 25.05 6.73
C ILE B 200 16.68 25.16 6.60
N LEU B 201 16.19 24.98 5.38
CA LEU B 201 14.76 25.04 5.11
C LEU B 201 14.12 23.70 5.40
N LEU B 202 12.98 23.71 6.08
CA LEU B 202 12.25 22.49 6.44
C LEU B 202 10.84 22.59 5.89
N PRO B 203 10.63 22.26 4.62
CA PRO B 203 9.28 22.29 4.06
C PRO B 203 8.44 21.13 4.59
N LEU B 204 7.33 21.47 5.25
CA LEU B 204 6.51 20.44 5.86
C LEU B 204 5.82 19.56 4.81
N ASP B 205 5.72 20.02 3.57
CA ASP B 205 5.22 19.19 2.48
C ASP B 205 6.29 18.32 1.85
N CYS B 206 7.55 18.45 2.30
CA CYS B 206 8.68 17.66 1.80
C CYS B 206 8.89 17.86 0.31
N GLY B 207 8.44 18.98 -0.24
CA GLY B 207 8.69 19.31 -1.62
C GLY B 207 9.95 20.14 -1.77
N VAL B 208 11.06 19.49 -2.10
CA VAL B 208 12.35 20.14 -2.21
C VAL B 208 12.83 20.04 -3.66
N PRO B 209 12.88 21.15 -4.38
CA PRO B 209 13.54 21.13 -5.69
C PRO B 209 15.05 21.02 -5.53
N ASP B 210 15.70 20.50 -6.58
CA ASP B 210 17.15 20.41 -6.57
C ASP B 210 17.83 21.77 -6.59
N ASN B 211 17.11 22.81 -7.01
CA ASN B 211 17.63 24.18 -7.04
C ASN B 211 16.69 25.09 -6.27
N LEU B 212 17.25 26.06 -5.56
CA LEU B 212 16.42 27.07 -4.92
C LEU B 212 15.71 27.94 -5.94
N SER B 213 16.28 28.06 -7.14
CA SER B 213 15.63 28.82 -8.20
C SER B 213 14.31 28.16 -8.61
N MET B 214 14.29 26.83 -8.68
CA MET B 214 13.05 26.14 -9.02
C MET B 214 12.00 26.33 -7.93
N ALA B 215 12.41 26.27 -6.66
CA ALA B 215 11.49 26.54 -5.56
C ALA B 215 10.98 27.97 -5.61
N ASP B 216 11.88 28.92 -5.86
CA ASP B 216 11.52 30.32 -5.96
C ASP B 216 12.53 31.04 -6.83
N PRO B 217 12.12 31.55 -8.00
CA PRO B 217 13.08 32.20 -8.90
C PRO B 217 13.64 33.50 -8.34
N ASN B 218 13.02 34.07 -7.31
CA ASN B 218 13.55 35.26 -6.67
C ASN B 218 14.82 34.99 -5.88
N ILE B 219 15.16 33.72 -5.65
CA ILE B 219 16.41 33.32 -5.02
C ILE B 219 17.36 32.83 -6.10
N ARG B 220 18.53 33.44 -6.18
CA ARG B 220 19.49 33.15 -7.23
C ARG B 220 20.81 32.71 -6.63
N PHE B 221 21.47 31.77 -7.29
CA PHE B 221 22.77 31.30 -6.82
C PHE B 221 23.81 32.40 -6.98
N LEU B 222 24.55 32.67 -5.90
CA LEU B 222 25.54 33.73 -5.89
C LEU B 222 26.95 33.21 -6.10
N ASP B 223 27.39 32.30 -5.23
CA ASP B 223 28.77 31.81 -5.29
C ASP B 223 28.85 30.49 -4.53
N LYS B 224 30.06 29.95 -4.45
CA LYS B 224 30.33 28.70 -3.75
C LYS B 224 31.31 28.95 -2.62
N LEU B 225 30.97 28.44 -1.43
CA LEU B 225 31.88 28.55 -0.30
C LEU B 225 33.13 27.71 -0.55
N PRO B 226 34.28 28.11 0.01
CA PRO B 226 35.47 27.26 -0.09
C PRO B 226 35.20 25.86 0.43
N GLN B 227 35.28 24.88 -0.46
CA GLN B 227 34.84 23.52 -0.12
C GLN B 227 35.66 22.96 1.02
N GLN B 228 35.00 22.20 1.90
CA GLN B 228 35.64 21.60 3.06
C GLN B 228 35.93 20.13 2.74
N THR B 229 37.19 19.75 2.84
CA THR B 229 37.65 18.43 2.45
C THR B 229 38.13 17.67 3.68
N GLY B 230 37.44 16.58 4.00
CA GLY B 230 37.86 15.71 5.09
C GLY B 230 37.24 14.35 4.95
N ASP B 231 37.96 13.33 5.43
CA ASP B 231 37.47 11.96 5.34
C ASP B 231 36.31 11.73 6.30
N HIS B 232 35.37 10.89 5.88
CA HIS B 232 34.16 10.66 6.68
C HIS B 232 33.56 9.32 6.29
N ALA B 233 33.59 8.36 7.23
CA ALA B 233 32.94 7.07 7.08
C ALA B 233 33.45 6.31 5.85
N GLY B 234 34.73 6.00 5.88
CA GLY B 234 35.33 5.11 4.90
C GLY B 234 35.64 5.74 3.56
N ILE B 235 35.43 7.03 3.39
CA ILE B 235 35.68 7.73 2.13
C ILE B 235 36.79 8.74 2.37
N LYS B 236 37.88 8.61 1.64
CA LYS B 236 39.01 9.53 1.78
C LYS B 236 38.67 10.88 1.17
N ASP B 237 38.87 11.94 1.95
CA ASP B 237 38.77 13.32 1.48
C ASP B 237 37.40 13.62 0.87
N ARG B 238 36.35 13.31 1.64
CA ARG B 238 35.01 13.69 1.22
C ARG B 238 34.89 15.22 1.21
N VAL B 239 34.29 15.76 0.16
CA VAL B 239 34.25 17.19 -0.07
C VAL B 239 32.84 17.71 0.11
N TYR B 240 32.71 18.84 0.79
CA TYR B 240 31.44 19.55 0.96
C TYR B 240 31.55 20.89 0.25
N SER B 241 30.61 21.16 -0.65
CA SER B 241 30.58 22.40 -1.43
C SER B 241 29.27 23.12 -1.11
N ASN B 242 29.29 23.96 -0.08
CA ASN B 242 28.12 24.75 0.27
C ASN B 242 28.02 25.97 -0.65
N SER B 243 26.78 26.36 -0.95
CA SER B 243 26.51 27.40 -1.93
C SER B 243 25.89 28.62 -1.26
N ILE B 244 26.46 29.79 -1.52
CA ILE B 244 25.88 31.06 -1.08
C ILE B 244 24.88 31.51 -2.14
N TYR B 245 23.65 31.77 -1.73
CA TYR B 245 22.58 32.20 -2.62
C TYR B 245 22.30 33.68 -2.43
N GLU B 246 21.62 34.25 -3.41
CA GLU B 246 21.23 35.65 -3.39
C GLU B 246 19.76 35.77 -3.02
N LEU B 247 19.47 36.67 -2.10
CA LEU B 247 18.10 36.99 -1.72
C LEU B 247 17.74 38.37 -2.27
N LEU B 248 16.62 38.46 -2.96
CA LEU B 248 16.25 39.68 -3.67
C LEU B 248 14.92 40.20 -3.14
N GLU B 249 14.80 41.53 -3.12
CA GLU B 249 13.56 42.22 -2.79
C GLU B 249 13.40 43.34 -3.79
N ASN B 250 12.25 43.37 -4.48
CA ASN B 250 11.98 44.35 -5.54
C ASN B 250 13.06 44.29 -6.62
N GLY B 251 13.71 43.14 -6.78
CA GLY B 251 14.74 42.96 -7.76
C GLY B 251 16.14 43.35 -7.32
N GLN B 252 16.29 43.90 -6.12
CA GLN B 252 17.59 44.34 -5.63
C GLN B 252 18.07 43.43 -4.50
N ARG B 253 19.39 43.37 -4.32
CA ARG B 253 19.96 42.57 -3.26
C ARG B 253 19.43 43.02 -1.90
N ALA B 254 18.99 42.05 -1.09
CA ALA B 254 18.54 42.33 0.26
C ALA B 254 19.17 41.44 1.32
N GLY B 255 19.76 40.32 0.93
CA GLY B 255 20.44 39.46 1.89
C GLY B 255 21.17 38.35 1.17
N THR B 256 22.19 37.83 1.84
CA THR B 256 22.98 36.71 1.33
C THR B 256 23.22 35.74 2.47
N CYS B 257 22.91 34.47 2.24
CA CYS B 257 23.06 33.45 3.28
C CYS B 257 23.22 32.10 2.61
N VAL B 258 23.71 31.14 3.40
CA VAL B 258 23.90 29.76 2.94
C VAL B 258 22.58 29.03 3.13
N LEU B 259 21.83 28.84 2.04
CA LEU B 259 20.55 28.16 2.07
C LEU B 259 20.73 26.68 1.73
N GLU B 260 19.92 25.84 2.35
CA GLU B 260 19.98 24.41 2.10
C GLU B 260 18.66 23.78 2.50
N TYR B 261 18.39 22.60 1.95
CA TYR B 261 17.21 21.82 2.26
C TYR B 261 17.60 20.61 3.10
N ALA B 262 16.73 20.23 4.01
CA ALA B 262 16.94 19.02 4.81
C ALA B 262 16.69 17.80 3.93
N THR B 263 17.77 17.09 3.59
CA THR B 263 17.63 15.94 2.71
C THR B 263 16.78 14.81 3.27
N PRO B 264 16.73 14.55 4.59
CA PRO B 264 15.77 13.55 5.08
C PRO B 264 14.32 13.87 4.74
N LEU B 265 13.95 15.16 4.62
CA LEU B 265 12.61 15.49 4.16
C LEU B 265 12.41 15.08 2.70
N GLN B 266 13.42 15.32 1.87
CA GLN B 266 13.39 14.82 0.50
C GLN B 266 13.14 13.33 0.47
N THR B 267 13.85 12.59 1.32
CA THR B 267 13.69 11.14 1.29
C THR B 267 12.38 10.69 1.92
N LEU B 268 11.83 11.47 2.85
CA LEU B 268 10.49 11.18 3.34
C LEU B 268 9.47 11.27 2.22
N PHE B 269 9.57 12.34 1.41
CA PHE B 269 8.70 12.46 0.25
C PHE B 269 8.89 11.29 -0.71
N ALA B 270 10.15 10.94 -0.99
CA ALA B 270 10.42 9.83 -1.91
C ALA B 270 9.86 8.52 -1.37
N MET B 271 10.01 8.27 -0.07
CA MET B 271 9.44 7.08 0.54
C MET B 271 7.92 7.06 0.37
N SER B 272 7.27 8.20 0.59
CA SER B 272 5.83 8.26 0.33
C SER B 272 5.51 7.96 -1.11
N GLN B 273 6.42 8.26 -2.04
CA GLN B 273 6.19 7.94 -3.44
C GLN B 273 6.30 6.44 -3.71
N TYR B 274 7.33 5.79 -3.17
CA TYR B 274 7.56 4.38 -3.46
C TYR B 274 6.51 3.49 -2.80
N SER B 275 6.11 2.43 -3.51
CA SER B 275 5.15 1.47 -2.98
C SER B 275 5.80 0.52 -1.99
N GLN B 276 7.04 0.11 -2.25
CA GLN B 276 7.71 -0.85 -1.38
C GLN B 276 8.02 -0.29 0.00
N ALA B 277 8.05 1.04 0.14
CA ALA B 277 8.39 1.64 1.42
C ALA B 277 7.36 1.40 2.49
N GLY B 278 6.11 1.09 2.12
CA GLY B 278 5.06 1.00 3.12
C GLY B 278 4.84 2.30 3.85
N PHE B 279 4.95 3.42 3.12
CA PHE B 279 4.92 4.76 3.70
C PHE B 279 3.83 5.55 3.01
N SER B 280 2.95 6.16 3.80
CA SER B 280 1.78 6.85 3.28
C SER B 280 1.98 8.36 3.33
N ARG B 281 1.02 9.08 2.76
CA ARG B 281 1.10 10.54 2.74
C ARG B 281 0.85 11.14 4.12
N GLU B 282 -0.12 10.60 4.85
CA GLU B 282 -0.33 11.04 6.23
C GLU B 282 0.88 10.73 7.08
N ASP B 283 1.46 9.54 6.91
CA ASP B 283 2.71 9.21 7.60
C ASP B 283 3.83 10.14 7.16
N ARG B 284 3.88 10.48 5.87
CA ARG B 284 4.92 11.39 5.39
C ARG B 284 4.83 12.74 6.09
N LEU B 285 3.63 13.32 6.16
CA LEU B 285 3.47 14.61 6.81
C LEU B 285 3.77 14.51 8.30
N GLU B 286 3.29 13.45 8.95
CA GLU B 286 3.52 13.30 10.39
C GLU B 286 5.01 13.18 10.68
N GLN B 287 5.73 12.36 9.92
CA GLN B 287 7.14 12.20 10.15
C GLN B 287 7.93 13.44 9.77
N ALA B 288 7.46 14.22 8.80
CA ALA B 288 8.10 15.50 8.54
C ALA B 288 7.98 16.42 9.75
N LYS B 289 6.79 16.47 10.35
CA LYS B 289 6.61 17.30 11.54
C LYS B 289 7.49 16.82 12.70
N LEU B 290 7.53 15.51 12.93
CA LEU B 290 8.40 14.99 13.99
C LEU B 290 9.87 15.23 13.69
N PHE B 291 10.27 15.12 12.42
CA PHE B 291 11.65 15.41 12.06
C PHE B 291 12.02 16.84 12.41
N CYS B 292 11.18 17.79 12.02
CA CYS B 292 11.44 19.18 12.37
C CYS B 292 11.49 19.38 13.88
N ARG B 293 10.54 18.78 14.60
CA ARG B 293 10.46 18.94 16.05
C ARG B 293 11.72 18.43 16.73
N THR B 294 12.12 17.19 16.42
CA THR B 294 13.26 16.61 17.11
C THR B 294 14.58 17.22 16.63
N LEU B 295 14.64 17.71 15.39
CA LEU B 295 15.84 18.43 14.96
C LEU B 295 15.99 19.75 15.71
N GLU B 296 14.88 20.47 15.90
CA GLU B 296 14.93 21.68 16.71
C GLU B 296 15.31 21.36 18.15
N ASP B 297 14.81 20.25 18.67
CA ASP B 297 15.19 19.82 20.02
C ASP B 297 16.68 19.51 20.11
N ILE B 298 17.23 18.83 19.09
CA ILE B 298 18.64 18.48 19.09
C ILE B 298 19.49 19.75 19.03
N LEU B 299 19.15 20.68 18.15
CA LEU B 299 19.93 21.90 18.01
C LEU B 299 19.79 22.83 19.21
N ALA B 300 18.84 22.58 20.11
CA ALA B 300 18.71 23.41 21.30
C ALA B 300 19.80 23.09 22.32
N ASP B 301 20.29 21.85 22.34
CA ASP B 301 21.32 21.44 23.27
C ASP B 301 22.58 20.95 22.58
N ALA B 302 22.66 21.07 21.25
CA ALA B 302 23.83 20.59 20.54
C ALA B 302 25.03 21.50 20.83
N PRO B 303 26.15 20.94 21.26
CA PRO B 303 27.35 21.78 21.46
C PRO B 303 27.83 22.47 20.20
N GLU B 304 27.70 21.82 19.04
CA GLU B 304 28.13 22.44 17.79
C GLU B 304 27.25 23.63 17.44
N SER B 305 25.95 23.53 17.65
CA SER B 305 25.03 24.63 17.37
C SER B 305 25.27 25.74 18.38
N GLN B 306 25.93 26.80 17.93
CA GLN B 306 26.31 27.95 18.75
C GLN B 306 25.79 29.23 18.10
N ASN B 307 24.51 29.23 17.75
CA ASN B 307 23.89 30.31 16.98
C ASN B 307 24.56 30.45 15.62
N ASN B 308 24.97 29.32 15.04
CA ASN B 308 25.52 29.25 13.70
C ASN B 308 24.68 28.37 12.80
N CYS B 309 23.38 28.25 13.11
CA CYS B 309 22.46 27.43 12.34
C CYS B 309 21.05 27.85 12.69
N ARG B 310 20.23 28.09 11.66
CA ARG B 310 18.86 28.54 11.85
C ARG B 310 17.94 27.66 11.01
N LEU B 311 16.96 27.04 11.66
CA LEU B 311 15.98 26.22 10.96
C LEU B 311 14.81 27.07 10.50
N ILE B 312 14.34 26.81 9.28
CA ILE B 312 13.20 27.52 8.71
C ILE B 312 12.15 26.47 8.31
N ALA B 313 11.00 26.54 8.95
CA ALA B 313 9.91 25.61 8.69
C ALA B 313 8.73 26.38 8.11
N TYR B 314 8.12 25.82 7.07
CA TYR B 314 7.01 26.48 6.39
C TYR B 314 6.10 25.44 5.77
N GLN B 315 4.87 25.87 5.48
CA GLN B 315 3.88 25.05 4.81
C GLN B 315 3.24 25.86 3.71
N GLU B 316 3.20 25.29 2.50
CA GLU B 316 2.62 25.99 1.36
C GLU B 316 1.09 25.91 1.43
N PRO B 317 0.38 27.04 1.47
CA PRO B 317 -1.08 27.05 1.55
C PRO B 317 -1.74 26.71 0.22
N PHE B 323 2.43 32.81 -1.12
CA PHE B 323 3.56 32.41 -0.30
C PHE B 323 4.86 32.42 -1.11
N SER B 324 5.85 33.17 -0.62
CA SER B 324 7.15 33.28 -1.27
C SER B 324 8.24 32.90 -0.27
N LEU B 325 9.11 31.97 -0.68
CA LEU B 325 10.17 31.51 0.20
C LEU B 325 11.19 32.60 0.49
N SER B 326 11.48 33.44 -0.51
CA SER B 326 12.48 34.48 -0.32
C SER B 326 12.06 35.47 0.76
N GLN B 327 10.78 35.86 0.77
CA GLN B 327 10.31 36.77 1.81
C GLN B 327 10.42 36.14 3.19
N GLU B 328 10.17 34.83 3.29
CA GLU B 328 10.34 34.13 4.56
C GLU B 328 11.80 34.16 5.01
N VAL B 329 12.72 33.93 4.07
CA VAL B 329 14.14 33.95 4.43
C VAL B 329 14.56 35.33 4.89
N LEU B 330 14.08 36.38 4.20
CA LEU B 330 14.36 37.75 4.66
C LEU B 330 13.78 38.01 6.04
N ARG B 331 12.57 37.52 6.30
CA ARG B 331 11.97 37.72 7.62
C ARG B 331 12.80 37.02 8.69
N HIS B 332 13.32 35.83 8.40
CA HIS B 332 14.23 35.17 9.32
C HIS B 332 15.61 35.80 9.33
N LEU B 333 15.89 36.72 8.42
CA LEU B 333 17.18 37.41 8.39
C LEU B 333 17.08 38.78 9.04
N SER C 5 -13.98 17.59 -9.69
CA SER C 5 -14.00 18.99 -10.08
C SER C 5 -13.96 19.14 -11.60
N LEU C 6 -13.56 18.07 -12.28
CA LEU C 6 -13.48 18.12 -13.74
C LEU C 6 -14.84 18.33 -14.36
N HIS C 7 -15.82 17.51 -13.98
CA HIS C 7 -17.16 17.57 -14.55
C HIS C 7 -18.15 17.10 -13.50
N PRO C 8 -19.36 17.69 -13.47
CA PRO C 8 -20.35 17.25 -12.48
C PRO C 8 -20.74 15.79 -12.62
N SER C 9 -20.73 15.24 -13.83
CA SER C 9 -21.16 13.86 -14.05
C SER C 9 -20.14 12.83 -13.59
N ILE C 10 -18.92 13.24 -13.28
CA ILE C 10 -17.90 12.30 -12.81
C ILE C 10 -18.22 11.92 -11.37
N PRO C 11 -18.34 10.63 -11.06
CA PRO C 11 -18.80 10.23 -9.73
C PRO C 11 -17.71 10.35 -8.67
N CYS C 12 -18.11 10.84 -7.51
CA CYS C 12 -17.21 10.90 -6.37
C CYS C 12 -16.92 9.50 -5.84
N PRO C 13 -15.78 9.31 -5.17
CA PRO C 13 -15.48 7.99 -4.60
C PRO C 13 -16.53 7.58 -3.58
N ARG C 14 -16.78 6.27 -3.51
CA ARG C 14 -17.83 5.74 -2.65
C ARG C 14 -17.51 6.02 -1.18
N GLY C 15 -18.51 6.50 -0.45
CA GLY C 15 -18.34 6.82 0.95
C GLY C 15 -18.68 5.66 1.87
N HIS C 16 -19.31 5.97 3.00
CA HIS C 16 -19.68 4.97 4.00
C HIS C 16 -21.18 4.97 4.24
N GLY C 17 -21.95 5.23 3.19
CA GLY C 17 -23.40 5.22 3.34
C GLY C 17 -23.95 3.84 3.67
N ALA C 18 -23.35 2.80 3.09
CA ALA C 18 -23.79 1.44 3.38
C ALA C 18 -23.56 1.08 4.85
N GLN C 19 -22.41 1.47 5.39
CA GLN C 19 -22.13 1.18 6.80
C GLN C 19 -23.04 1.97 7.73
N LYS C 20 -23.35 3.23 7.39
CA LYS C 20 -24.30 4.00 8.19
C LYS C 20 -25.68 3.37 8.16
N ALA C 21 -26.12 2.92 6.97
CA ALA C 21 -27.42 2.25 6.86
C ALA C 21 -27.42 0.95 7.67
N ALA C 22 -26.31 0.22 7.65
CA ALA C 22 -26.21 -1.01 8.44
C ALA C 22 -26.26 -0.72 9.92
N LEU C 23 -25.63 0.38 10.36
CA LEU C 23 -25.69 0.76 11.76
C LEU C 23 -27.11 1.12 12.17
N VAL C 24 -27.83 1.86 11.33
CA VAL C 24 -29.22 2.18 11.62
C VAL C 24 -30.07 0.92 11.68
N LEU C 25 -29.84 0.00 10.74
CA LEU C 25 -30.57 -1.27 10.74
C LEU C 25 -30.28 -2.07 11.99
N LEU C 26 -29.03 -2.11 12.42
CA LEU C 26 -28.66 -2.82 13.64
C LEU C 26 -29.34 -2.21 14.86
N SER C 27 -29.37 -0.88 14.94
CA SER C 27 -30.06 -0.24 16.06
C SER C 27 -31.55 -0.57 16.06
N ALA C 28 -32.16 -0.52 14.87
CA ALA C 28 -33.59 -0.85 14.77
C ALA C 28 -33.85 -2.30 15.16
N CYS C 29 -32.97 -3.21 14.74
CA CYS C 29 -33.15 -4.62 15.07
C CYS C 29 -32.98 -4.87 16.57
N LEU C 30 -32.00 -4.21 17.19
CA LEU C 30 -31.84 -4.34 18.64
C LEU C 30 -33.05 -3.80 19.38
N VAL C 31 -33.58 -2.66 18.94
CA VAL C 31 -34.78 -2.10 19.56
C VAL C 31 -35.95 -3.07 19.40
N THR C 32 -36.09 -3.66 18.22
CA THR C 32 -37.17 -4.63 18.00
C THR C 32 -37.02 -5.85 18.90
N LEU C 33 -35.79 -6.37 19.03
CA LEU C 33 -35.57 -7.53 19.89
C LEU C 33 -35.87 -7.22 21.34
N TRP C 34 -35.51 -6.01 21.79
CA TRP C 34 -35.86 -5.61 23.14
C TRP C 34 -37.37 -5.49 23.32
N GLY C 35 -38.05 -4.94 22.31
CA GLY C 35 -39.49 -4.74 22.42
C GLY C 35 -40.27 -6.04 22.41
N LEU C 36 -39.83 -7.02 21.62
CA LEU C 36 -40.57 -8.27 21.49
C LEU C 36 -40.63 -9.05 22.80
N GLY C 37 -39.63 -8.89 23.66
CA GLY C 37 -39.62 -9.57 24.94
C GLY C 37 -39.19 -11.02 24.91
N GLU C 38 -38.67 -11.50 23.78
CA GLU C 38 -38.14 -12.85 23.74
C GLU C 38 -36.91 -12.96 24.64
N PRO C 39 -36.66 -14.14 25.19
CA PRO C 39 -35.50 -14.31 26.07
C PRO C 39 -34.21 -13.95 25.36
N PRO C 40 -33.33 -13.19 26.02
CA PRO C 40 -32.05 -12.84 25.38
C PRO C 40 -31.17 -14.03 25.08
N GLU C 41 -31.25 -15.08 25.90
CA GLU C 41 -30.46 -16.28 25.66
C GLU C 41 -30.81 -16.89 24.32
N HIS C 42 -32.11 -16.98 24.01
CA HIS C 42 -32.53 -17.53 22.72
C HIS C 42 -32.04 -16.66 21.57
N THR C 43 -32.13 -15.34 21.73
CA THR C 43 -31.66 -14.42 20.69
C THR C 43 -30.18 -14.64 20.39
N LEU C 44 -29.35 -14.68 21.44
CA LEU C 44 -27.93 -14.89 21.25
C LEU C 44 -27.65 -16.26 20.64
N ARG C 45 -28.35 -17.30 21.12
CA ARG C 45 -28.14 -18.64 20.62
C ARG C 45 -28.44 -18.73 19.13
N TYR C 46 -29.57 -18.16 18.71
CA TYR C 46 -29.95 -18.23 17.31
C TYR C 46 -29.05 -17.37 16.44
N LEU C 47 -28.61 -16.21 16.95
CA LEU C 47 -27.67 -15.39 16.20
C LEU C 47 -26.36 -16.14 15.95
N VAL C 48 -25.84 -16.79 17.00
CA VAL C 48 -24.60 -17.53 16.86
C VAL C 48 -24.77 -18.73 15.94
N LEU C 49 -25.92 -19.40 16.02
CA LEU C 49 -26.19 -20.53 15.13
C LEU C 49 -26.26 -20.08 13.67
N HIS C 50 -26.89 -18.92 13.42
CA HIS C 50 -26.95 -18.39 12.06
C HIS C 50 -25.56 -18.06 11.55
N LEU C 51 -24.73 -17.42 12.39
CA LEU C 51 -23.38 -17.10 11.96
C LEU C 51 -22.56 -18.37 11.70
N ALA C 52 -22.76 -19.40 12.53
CA ALA C 52 -22.06 -20.66 12.31
C ALA C 52 -22.48 -21.31 11.00
N SER C 53 -23.78 -21.29 10.70
CA SER C 53 -24.24 -21.83 9.43
C SER C 53 -23.66 -21.06 8.25
N LEU C 54 -23.59 -19.74 8.36
CA LEU C 54 -22.99 -18.93 7.31
C LEU C 54 -21.52 -19.27 7.13
N GLN C 55 -20.79 -19.48 8.23
CA GLN C 55 -19.37 -19.82 8.14
C GLN C 55 -19.19 -21.18 7.48
N LEU C 56 -20.02 -22.17 7.83
CA LEU C 56 -19.90 -23.48 7.20
C LEU C 56 -20.26 -23.43 5.72
N GLY C 57 -21.25 -22.62 5.36
CA GLY C 57 -21.55 -22.41 3.95
C GLY C 57 -20.40 -21.78 3.21
N LEU C 58 -19.72 -20.83 3.85
CA LEU C 58 -18.52 -20.24 3.26
C LEU C 58 -17.43 -21.28 3.07
N LEU C 59 -17.27 -22.18 4.05
CA LEU C 59 -16.33 -23.28 3.91
C LEU C 59 -16.65 -24.13 2.68
N LEU C 60 -17.91 -24.51 2.53
CA LEU C 60 -18.30 -25.36 1.41
C LEU C 60 -18.09 -24.65 0.08
N ASN C 61 -18.47 -23.37 0.00
CA ASN C 61 -18.26 -22.60 -1.22
C ASN C 61 -16.78 -22.46 -1.55
N GLY C 62 -15.95 -22.24 -0.53
CA GLY C 62 -14.51 -22.14 -0.76
C GLY C 62 -13.92 -23.44 -1.24
N VAL C 63 -14.40 -24.57 -0.71
CA VAL C 63 -13.93 -25.86 -1.19
C VAL C 63 -14.33 -26.08 -2.64
N CYS C 64 -15.57 -25.71 -2.99
CA CYS C 64 -16.01 -25.86 -4.37
C CYS C 64 -15.17 -24.99 -5.31
N SER C 65 -14.85 -23.77 -4.88
CA SER C 65 -13.99 -22.91 -5.69
C SER C 65 -12.57 -23.47 -5.79
N LEU C 66 -12.07 -24.04 -4.69
CA LEU C 66 -10.74 -24.66 -4.71
C LEU C 66 -10.69 -25.81 -5.68
N ALA C 67 -11.82 -26.49 -5.89
CA ALA C 67 -11.84 -27.57 -6.87
C ALA C 67 -11.47 -27.09 -8.27
N GLU C 68 -11.77 -25.83 -8.60
CA GLU C 68 -11.41 -25.28 -9.90
C GLU C 68 -10.14 -24.45 -9.87
N GLU C 69 -9.74 -23.93 -8.71
CA GLU C 69 -8.50 -23.18 -8.63
C GLU C 69 -7.28 -24.07 -8.47
N LEU C 70 -7.46 -25.37 -8.23
CA LEU C 70 -6.33 -26.26 -8.05
C LEU C 70 -5.62 -26.61 -9.34
N ARG C 71 -6.30 -26.48 -10.49
CA ARG C 71 -5.63 -26.76 -11.76
C ARG C 71 -4.93 -25.54 -12.34
N HIS C 72 -5.13 -24.36 -11.76
CA HIS C 72 -4.33 -23.19 -12.06
C HIS C 72 -3.23 -22.98 -11.01
N ILE C 73 -2.82 -24.05 -10.34
CA ILE C 73 -1.84 -23.91 -9.27
C ILE C 73 -0.46 -23.56 -9.83
N HIS C 74 -0.07 -24.20 -10.94
CA HIS C 74 1.22 -23.90 -11.53
C HIS C 74 1.21 -22.55 -12.26
N SER C 75 0.15 -22.28 -13.02
CA SER C 75 0.10 -21.08 -13.84
C SER C 75 -0.15 -19.84 -13.00
N ARG C 76 -1.06 -19.92 -12.03
CA ARG C 76 -1.51 -18.74 -11.30
C ARG C 76 -0.98 -18.66 -9.87
N TYR C 77 -0.72 -19.79 -9.22
CA TYR C 77 -0.34 -19.82 -7.81
C TYR C 77 1.05 -20.42 -7.61
N ARG C 78 1.93 -20.26 -8.60
CA ARG C 78 3.34 -20.67 -8.54
C ARG C 78 3.52 -22.10 -8.03
N GLY C 79 2.51 -22.95 -8.23
CA GLY C 79 2.65 -24.35 -7.92
C GLY C 79 2.65 -24.69 -6.44
N SER C 80 2.15 -23.81 -5.59
CA SER C 80 2.10 -24.03 -4.16
C SER C 80 0.65 -24.12 -3.71
N TYR C 81 0.33 -25.18 -2.96
CA TYR C 81 -1.04 -25.40 -2.53
C TYR C 81 -1.49 -24.38 -1.48
N TRP C 82 -0.54 -23.86 -0.69
CA TRP C 82 -0.90 -22.92 0.36
C TRP C 82 -1.47 -21.63 -0.22
N ARG C 83 -0.88 -21.12 -1.31
CA ARG C 83 -1.42 -19.93 -1.95
C ARG C 83 -2.80 -20.18 -2.52
N THR C 84 -3.02 -21.37 -3.11
CA THR C 84 -4.33 -21.70 -3.64
C THR C 84 -5.38 -21.73 -2.53
N VAL C 85 -5.05 -22.37 -1.40
CA VAL C 85 -5.99 -22.46 -0.29
C VAL C 85 -6.23 -21.07 0.30
N ARG C 86 -5.19 -20.24 0.38
CA ARG C 86 -5.37 -18.88 0.89
C ARG C 86 -6.27 -18.06 -0.03
N ALA C 87 -6.12 -18.24 -1.34
CA ALA C 87 -6.95 -17.51 -2.29
C ALA C 87 -8.41 -17.97 -2.21
N CYS C 88 -8.63 -19.28 -2.03
CA CYS C 88 -9.99 -19.79 -2.06
C CYS C 88 -10.71 -19.58 -0.73
N LEU C 89 -10.13 -20.08 0.37
CA LEU C 89 -10.79 -20.10 1.66
C LEU C 89 -10.38 -18.93 2.56
N GLY C 90 -9.58 -18.01 2.08
CA GLY C 90 -9.09 -16.93 2.92
C GLY C 90 -7.90 -17.36 3.75
N CYS C 91 -7.66 -16.63 4.84
CA CYS C 91 -6.56 -16.95 5.72
C CYS C 91 -6.79 -18.31 6.37
N PRO C 92 -5.90 -19.27 6.18
CA PRO C 92 -6.18 -20.63 6.70
C PRO C 92 -6.37 -20.70 8.20
N LEU C 93 -5.61 -19.92 8.97
CA LEU C 93 -5.70 -20.02 10.43
C LEU C 93 -6.98 -19.39 10.96
N ARG C 94 -7.30 -18.18 10.48
CA ARG C 94 -8.53 -17.53 10.92
C ARG C 94 -9.76 -18.30 10.46
N ARG C 95 -9.75 -18.78 9.21
CA ARG C 95 -10.86 -19.56 8.70
C ARG C 95 -11.01 -20.87 9.48
N GLY C 96 -9.89 -21.52 9.80
CA GLY C 96 -9.96 -22.74 10.59
C GLY C 96 -10.52 -22.49 11.98
N ALA C 97 -10.12 -21.39 12.61
CA ALA C 97 -10.66 -21.05 13.93
C ALA C 97 -12.15 -20.79 13.85
N LEU C 98 -12.60 -20.06 12.83
CA LEU C 98 -14.01 -19.77 12.67
C LEU C 98 -14.82 -21.03 12.43
N LEU C 99 -14.29 -21.96 11.62
CA LEU C 99 -15.01 -23.20 11.39
C LEU C 99 -15.01 -24.10 12.62
N LEU C 100 -13.94 -24.07 13.42
CA LEU C 100 -13.95 -24.82 14.68
C LEU C 100 -15.02 -24.27 15.61
N LEU C 101 -15.13 -22.94 15.71
CA LEU C 101 -16.19 -22.35 16.51
C LEU C 101 -17.57 -22.74 15.98
N SER C 102 -17.74 -22.70 14.65
CA SER C 102 -19.03 -23.03 14.07
C SER C 102 -19.42 -24.47 14.36
N ILE C 103 -18.49 -25.40 14.19
CA ILE C 103 -18.77 -26.81 14.45
C ILE C 103 -19.09 -27.02 15.92
N TYR C 104 -18.30 -26.43 16.81
CA TYR C 104 -18.55 -26.62 18.25
C TYR C 104 -19.89 -26.01 18.66
N PHE C 105 -20.22 -24.83 18.14
CA PHE C 105 -21.42 -24.13 18.58
C PHE C 105 -22.67 -24.58 17.85
N TYR C 106 -22.56 -25.38 16.79
CA TYR C 106 -23.75 -26.00 16.24
C TYR C 106 -23.96 -27.42 16.73
N TYR C 107 -22.88 -28.18 16.92
CA TYR C 107 -23.03 -29.55 17.41
C TYR C 107 -23.52 -29.57 18.86
N SER C 108 -23.29 -28.51 19.61
CA SER C 108 -23.59 -28.48 21.03
C SER C 108 -24.85 -27.69 21.37
N LEU C 109 -25.00 -26.49 20.80
CA LEU C 109 -26.12 -25.64 21.16
C LEU C 109 -27.45 -26.24 20.70
N PRO C 110 -28.51 -26.11 21.48
CA PRO C 110 -29.84 -26.52 21.01
C PRO C 110 -30.32 -25.61 19.89
N ASN C 111 -31.14 -26.18 19.01
CA ASN C 111 -31.65 -25.44 17.86
C ASN C 111 -33.06 -25.94 17.55
N ALA C 112 -34.06 -25.16 17.94
CA ALA C 112 -35.44 -25.45 17.55
C ALA C 112 -35.74 -25.05 16.12
N VAL C 113 -35.17 -23.95 15.66
CA VAL C 113 -35.31 -23.51 14.27
C VAL C 113 -34.03 -23.93 13.54
N GLY C 114 -34.06 -25.13 12.99
CA GLY C 114 -32.89 -25.72 12.38
C GLY C 114 -32.70 -27.17 12.77
N PRO C 115 -32.15 -27.97 11.86
CA PRO C 115 -32.04 -29.41 12.10
C PRO C 115 -30.81 -29.74 12.93
N PRO C 116 -30.67 -30.99 13.38
CA PRO C 116 -29.45 -31.42 14.06
C PRO C 116 -28.22 -31.26 13.17
N PHE C 117 -27.05 -31.50 13.77
CA PHE C 117 -25.80 -31.14 13.11
C PHE C 117 -25.59 -31.91 11.81
N THR C 118 -25.85 -33.22 11.81
CA THR C 118 -25.69 -33.98 10.57
C THR C 118 -26.71 -33.56 9.53
N TRP C 119 -27.98 -33.40 9.94
CA TRP C 119 -29.00 -32.92 9.04
C TRP C 119 -28.71 -31.49 8.59
N MET C 120 -28.21 -30.65 9.50
CA MET C 120 -27.82 -29.30 9.11
C MET C 120 -26.72 -29.32 8.06
N LEU C 121 -25.71 -30.18 8.26
CA LEU C 121 -24.62 -30.24 7.30
C LEU C 121 -25.12 -30.69 5.93
N ALA C 122 -25.97 -31.72 5.91
CA ALA C 122 -26.52 -32.18 4.64
C ALA C 122 -27.33 -31.09 3.95
N LEU C 123 -28.20 -30.42 4.70
CA LEU C 123 -29.06 -29.39 4.10
C LEU C 123 -28.26 -28.18 3.66
N LEU C 124 -27.26 -27.77 4.44
CA LEU C 124 -26.45 -26.62 4.09
C LEU C 124 -25.58 -26.91 2.88
N GLY C 125 -25.02 -28.12 2.80
CA GLY C 125 -24.32 -28.51 1.59
C GLY C 125 -25.23 -28.53 0.38
N LEU C 126 -26.44 -29.04 0.55
CA LEU C 126 -27.42 -29.05 -0.53
C LEU C 126 -27.70 -27.63 -1.02
N SER C 127 -27.96 -26.72 -0.08
CA SER C 127 -28.28 -25.34 -0.44
C SER C 127 -27.10 -24.62 -1.07
N GLN C 128 -25.88 -24.86 -0.56
CA GLN C 128 -24.70 -24.23 -1.15
C GLN C 128 -24.44 -24.77 -2.55
N ALA C 129 -24.63 -26.07 -2.76
CA ALA C 129 -24.49 -26.64 -4.09
C ALA C 129 -25.52 -26.05 -5.04
N LEU C 130 -26.75 -25.87 -4.58
CA LEU C 130 -27.76 -25.24 -5.41
C LEU C 130 -27.39 -23.80 -5.74
N ASN C 131 -26.86 -23.06 -4.76
CA ASN C 131 -26.46 -21.68 -5.00
C ASN C 131 -25.34 -21.60 -6.03
N ILE C 132 -24.37 -22.51 -5.95
CA ILE C 132 -23.26 -22.49 -6.89
C ILE C 132 -23.73 -22.91 -8.28
N LEU C 133 -24.54 -23.96 -8.37
CA LEU C 133 -24.94 -24.49 -9.67
C LEU C 133 -25.89 -23.55 -10.39
N LEU C 134 -26.92 -23.05 -9.69
CA LEU C 134 -27.89 -22.17 -10.30
C LEU C 134 -27.43 -20.72 -10.34
N GLY C 135 -26.29 -20.40 -9.77
CA GLY C 135 -25.83 -19.02 -9.74
C GLY C 135 -26.63 -18.12 -8.83
N LEU C 136 -27.31 -18.68 -7.84
CA LEU C 136 -28.14 -17.87 -6.95
C LEU C 136 -27.30 -16.92 -6.10
N LYS C 137 -26.11 -17.34 -5.70
CA LYS C 137 -25.20 -16.49 -4.93
C LYS C 137 -24.42 -15.64 -5.93
N GLY C 138 -25.02 -14.51 -6.30
CA GLY C 138 -24.39 -13.59 -7.24
C GLY C 138 -24.28 -12.20 -6.66
N LEU C 139 -23.52 -11.37 -7.36
CA LEU C 139 -23.26 -9.99 -6.94
C LEU C 139 -24.02 -9.03 -7.83
N ALA C 140 -24.76 -8.12 -7.21
CA ALA C 140 -25.44 -7.08 -7.95
C ALA C 140 -24.42 -6.09 -8.52
N PRO C 141 -24.80 -5.32 -9.54
CA PRO C 141 -23.83 -4.38 -10.14
C PRO C 141 -23.21 -3.41 -9.15
N ALA C 142 -23.95 -2.96 -8.14
CA ALA C 142 -23.39 -2.02 -7.17
C ALA C 142 -22.26 -2.64 -6.38
N GLU C 143 -22.43 -3.89 -5.92
CA GLU C 143 -21.37 -4.54 -5.17
C GLU C 143 -20.16 -4.82 -6.04
N ILE C 144 -20.38 -5.22 -7.29
CA ILE C 144 -19.25 -5.44 -8.21
C ILE C 144 -18.49 -4.15 -8.44
N SER C 145 -19.22 -3.04 -8.65
CA SER C 145 -18.56 -1.76 -8.84
C SER C 145 -17.79 -1.34 -7.60
N ALA C 146 -18.36 -1.55 -6.41
CA ALA C 146 -17.66 -1.20 -5.18
C ALA C 146 -16.39 -2.02 -5.00
N VAL C 147 -16.46 -3.32 -5.26
CA VAL C 147 -15.28 -4.17 -5.12
C VAL C 147 -14.21 -3.77 -6.12
N CYS C 148 -14.62 -3.48 -7.36
CA CYS C 148 -13.64 -3.07 -8.38
C CYS C 148 -13.00 -1.73 -8.02
N GLU C 149 -13.80 -0.79 -7.48
CA GLU C 149 -13.24 0.50 -7.08
C GLU C 149 -12.27 0.35 -5.91
N LYS C 150 -12.61 -0.46 -4.91
CA LYS C 150 -11.72 -0.65 -3.77
C LYS C 150 -10.43 -1.36 -4.19
N GLY C 151 -10.54 -2.39 -5.03
CA GLY C 151 -9.40 -3.16 -5.46
C GLY C 151 -8.73 -2.67 -6.72
N ASN C 152 -9.16 -1.54 -7.27
CA ASN C 152 -8.60 -0.99 -8.51
C ASN C 152 -8.68 -1.98 -9.66
N PHE C 153 -9.79 -2.71 -9.73
CA PHE C 153 -10.03 -3.66 -10.82
C PHE C 153 -10.81 -3.00 -11.96
N ASN C 154 -10.29 -1.89 -12.47
CA ASN C 154 -10.92 -1.15 -13.56
C ASN C 154 -9.98 -1.08 -14.74
N VAL C 155 -10.54 -1.12 -15.95
CA VAL C 155 -9.73 -0.84 -17.13
C VAL C 155 -9.29 0.62 -17.10
N ALA C 156 -10.12 1.50 -16.52
CA ALA C 156 -9.81 2.92 -16.49
C ALA C 156 -8.64 3.24 -15.57
N HIS C 157 -8.51 2.53 -14.46
CA HIS C 157 -7.38 2.76 -13.56
C HIS C 157 -6.06 2.50 -14.30
N GLY C 158 -5.95 1.33 -14.92
CA GLY C 158 -4.75 1.02 -15.69
C GLY C 158 -4.54 1.96 -16.85
N LEU C 159 -5.62 2.32 -17.55
CA LEU C 159 -5.49 3.21 -18.70
C LEU C 159 -5.01 4.59 -18.29
N ALA C 160 -5.52 5.13 -17.18
CA ALA C 160 -5.11 6.45 -16.73
C ALA C 160 -3.68 6.44 -16.22
N TRP C 161 -3.31 5.42 -15.45
CA TRP C 161 -1.93 5.33 -14.99
C TRP C 161 -0.98 5.12 -16.16
N SER C 162 -1.43 4.45 -17.22
CA SER C 162 -0.60 4.26 -18.40
C SER C 162 -0.48 5.53 -19.23
N TYR C 163 -1.56 6.30 -19.34
CA TYR C 163 -1.46 7.59 -19.99
C TYR C 163 -0.50 8.51 -19.25
N TYR C 164 -0.49 8.43 -17.92
CA TYR C 164 0.45 9.22 -17.15
C TYR C 164 1.89 8.75 -17.36
N ILE C 165 2.16 7.49 -17.06
CA ILE C 165 3.54 7.00 -17.05
C ILE C 165 4.11 6.96 -18.46
N GLY C 166 3.36 6.40 -19.42
CA GLY C 166 3.90 6.16 -20.73
C GLY C 166 4.02 7.38 -21.61
N TYR C 167 3.12 8.36 -21.44
CA TYR C 167 3.14 9.55 -22.29
C TYR C 167 3.43 10.82 -21.51
N LEU C 168 2.63 11.15 -20.49
CA LEU C 168 2.77 12.43 -19.82
C LEU C 168 4.09 12.52 -19.06
N ARG C 169 4.46 11.45 -18.37
CA ARG C 169 5.71 11.40 -17.62
C ARG C 169 6.93 11.58 -18.51
N LEU C 170 6.77 11.56 -19.83
CA LEU C 170 7.87 11.72 -20.76
C LEU C 170 7.93 13.11 -21.38
N ILE C 171 6.78 13.68 -21.77
CA ILE C 171 6.78 14.99 -22.41
C ILE C 171 6.66 16.14 -21.43
N LEU C 172 6.00 15.95 -20.29
CA LEU C 172 5.75 17.06 -19.38
C LEU C 172 7.03 17.74 -18.89
N PRO C 173 8.09 17.02 -18.48
CA PRO C 173 9.31 17.74 -18.08
C PRO C 173 9.90 18.64 -19.15
N GLU C 174 9.88 18.21 -20.42
CA GLU C 174 10.51 18.95 -21.49
C GLU C 174 9.55 19.84 -22.28
N LEU C 175 8.26 19.80 -21.95
CA LEU C 175 7.28 20.61 -22.68
C LEU C 175 7.53 22.09 -22.48
N GLN C 176 7.87 22.49 -21.25
CA GLN C 176 8.15 23.90 -20.98
C GLN C 176 9.35 24.39 -21.80
N ALA C 177 10.42 23.59 -21.83
CA ALA C 177 11.59 23.96 -22.62
C ALA C 177 11.25 24.03 -24.11
N ARG C 178 10.47 23.07 -24.61
CA ARG C 178 10.10 23.08 -26.02
C ARG C 178 9.28 24.32 -26.36
N ILE C 179 8.32 24.68 -25.50
CA ILE C 179 7.49 25.85 -25.77
C ILE C 179 8.32 27.13 -25.69
N ARG C 180 9.24 27.20 -24.73
CA ARG C 180 10.11 28.36 -24.63
C ARG C 180 10.99 28.50 -25.88
N THR C 181 11.54 27.38 -26.36
CA THR C 181 12.34 27.41 -27.58
C THR C 181 11.52 27.86 -28.77
N TYR C 182 10.28 27.35 -28.88
CA TYR C 182 9.41 27.75 -29.98
C TYR C 182 9.09 29.23 -29.92
N ASN C 183 8.81 29.75 -28.72
CA ASN C 183 8.50 31.18 -28.57
C ASN C 183 9.70 32.05 -28.91
N GLN C 184 10.90 31.66 -28.45
CA GLN C 184 12.09 32.47 -28.71
C GLN C 184 12.45 32.44 -30.18
N HIS C 185 12.50 31.24 -30.79
CA HIS C 185 12.86 31.14 -32.20
C HIS C 185 11.79 31.76 -33.09
N TYR C 186 10.52 31.56 -32.76
CA TYR C 186 9.43 32.10 -33.55
C TYR C 186 8.24 32.48 -32.69
N GLY C 192 0.64 35.86 -32.04
CA GLY C 192 0.33 35.56 -30.66
C GLY C 192 1.38 34.70 -29.98
N ALA C 193 1.14 34.39 -28.70
CA ALA C 193 2.05 33.57 -27.91
C ALA C 193 1.34 32.29 -27.50
N VAL C 194 2.05 31.17 -27.62
CA VAL C 194 1.49 29.87 -27.26
C VAL C 194 1.53 29.70 -25.75
N SER C 195 0.48 29.10 -25.20
CA SER C 195 0.40 28.86 -23.77
C SER C 195 1.44 27.84 -23.33
N GLN C 196 1.83 27.92 -22.06
CA GLN C 196 2.86 27.07 -21.50
C GLN C 196 2.30 25.79 -20.88
N ARG C 197 1.00 25.54 -21.04
CA ARG C 197 0.34 24.40 -20.43
C ARG C 197 -0.16 23.44 -21.49
N LEU C 198 -0.15 22.15 -21.16
CA LEU C 198 -0.66 21.11 -22.05
C LEU C 198 -2.14 20.89 -21.75
N TYR C 199 -2.98 21.05 -22.77
CA TYR C 199 -4.43 20.99 -22.61
C TYR C 199 -4.92 19.66 -23.17
N ILE C 200 -5.09 18.69 -22.28
CA ILE C 200 -5.59 17.38 -22.67
C ILE C 200 -7.11 17.42 -22.68
N LEU C 201 -7.70 17.10 -23.83
CA LEU C 201 -9.16 17.05 -23.93
C LEU C 201 -9.65 15.69 -23.48
N LEU C 202 -10.71 15.68 -22.67
CA LEU C 202 -11.27 14.46 -22.10
C LEU C 202 -12.75 14.39 -22.44
N PRO C 203 -13.08 13.98 -23.66
CA PRO C 203 -14.50 13.85 -24.03
C PRO C 203 -15.14 12.66 -23.33
N LEU C 204 -16.14 12.95 -22.50
CA LEU C 204 -16.82 11.89 -21.76
C LEU C 204 -17.63 10.97 -22.67
N ASP C 205 -17.96 11.42 -23.87
CA ASP C 205 -18.59 10.56 -24.86
C ASP C 205 -17.60 9.70 -25.63
N CYS C 206 -16.29 9.86 -25.36
CA CYS C 206 -15.21 9.13 -25.98
C CYS C 206 -15.18 9.25 -27.50
N GLY C 207 -15.84 10.28 -28.05
CA GLY C 207 -15.70 10.53 -29.47
C GLY C 207 -14.44 11.31 -29.75
N VAL C 208 -13.40 10.61 -30.20
CA VAL C 208 -12.09 11.22 -30.40
C VAL C 208 -11.76 11.16 -31.89
N PRO C 209 -11.95 12.25 -32.63
CA PRO C 209 -11.57 12.25 -34.04
C PRO C 209 -10.06 12.16 -34.19
N ASP C 210 -9.61 11.47 -35.25
CA ASP C 210 -8.18 11.42 -35.54
C ASP C 210 -7.64 12.79 -35.86
N ASN C 211 -8.38 13.58 -36.63
CA ASN C 211 -8.03 14.96 -36.93
C ASN C 211 -8.89 15.87 -36.05
N LEU C 212 -8.23 16.64 -35.18
CA LEU C 212 -8.95 17.46 -34.22
C LEU C 212 -9.71 18.60 -34.89
N SER C 213 -9.35 18.96 -36.12
CA SER C 213 -10.07 20.01 -36.84
C SER C 213 -11.52 19.61 -37.09
N MET C 214 -11.76 18.33 -37.39
CA MET C 214 -13.12 17.88 -37.65
C MET C 214 -14.00 17.99 -36.41
N ALA C 215 -13.41 17.98 -35.22
CA ALA C 215 -14.20 18.14 -34.00
C ALA C 215 -14.89 19.49 -33.96
N ASP C 216 -14.19 20.55 -34.36
CA ASP C 216 -14.77 21.88 -34.43
C ASP C 216 -13.97 22.72 -35.42
N PRO C 217 -14.64 23.34 -36.40
CA PRO C 217 -13.90 24.13 -37.41
C PRO C 217 -13.16 25.32 -36.83
N ASN C 218 -13.54 25.80 -35.65
CA ASN C 218 -12.89 26.98 -35.08
C ASN C 218 -11.48 26.68 -34.59
N ILE C 219 -11.07 25.41 -34.52
CA ILE C 219 -9.70 25.04 -34.19
C ILE C 219 -9.05 24.54 -35.46
N ARG C 220 -7.97 25.21 -35.88
CA ARG C 220 -7.25 24.82 -37.07
C ARG C 220 -5.78 24.66 -36.75
N PHE C 221 -5.16 23.63 -37.34
CA PHE C 221 -3.75 23.35 -37.10
C PHE C 221 -2.90 24.54 -37.52
N LEU C 222 -1.98 24.93 -36.64
CA LEU C 222 -1.13 26.10 -36.87
C LEU C 222 0.31 25.73 -37.14
N ASP C 223 0.95 25.01 -36.21
CA ASP C 223 2.35 24.65 -36.40
C ASP C 223 2.63 23.41 -35.55
N LYS C 224 3.90 23.01 -35.49
CA LYS C 224 4.31 21.86 -34.70
C LYS C 224 5.48 22.24 -33.79
N LEU C 225 5.44 21.72 -32.57
CA LEU C 225 6.57 21.86 -31.66
C LEU C 225 7.77 21.09 -32.20
N PRO C 226 8.98 21.49 -31.83
CA PRO C 226 10.16 20.72 -32.23
C PRO C 226 10.05 19.28 -31.75
N GLN C 227 10.46 18.36 -32.62
CA GLN C 227 10.35 16.94 -32.32
C GLN C 227 11.24 16.57 -31.15
N GLN C 228 10.68 15.81 -30.20
CA GLN C 228 11.43 15.31 -29.06
C GLN C 228 11.84 13.88 -29.36
N THR C 229 13.15 13.64 -29.45
CA THR C 229 13.69 12.34 -29.81
C THR C 229 14.19 11.65 -28.55
N GLY C 230 13.66 10.46 -28.27
CA GLY C 230 14.07 9.72 -27.10
C GLY C 230 13.77 8.23 -27.17
N ASP C 231 14.68 7.41 -26.64
CA ASP C 231 14.43 5.98 -26.58
C ASP C 231 13.34 5.67 -25.56
N HIS C 232 12.51 4.68 -25.88
CA HIS C 232 11.44 4.29 -24.98
C HIS C 232 10.99 2.87 -25.33
N ALA C 233 11.16 1.95 -24.38
CA ALA C 233 10.66 0.58 -24.49
C ALA C 233 11.12 -0.10 -25.77
N GLY C 234 12.41 0.02 -26.05
CA GLY C 234 12.99 -0.68 -27.18
C GLY C 234 12.85 0.00 -28.52
N ILE C 235 12.21 1.16 -28.58
CA ILE C 235 12.12 1.94 -29.81
C ILE C 235 13.21 3.00 -29.76
N LYS C 236 14.22 2.85 -30.62
CA LYS C 236 15.32 3.80 -30.67
C LYS C 236 14.87 5.09 -31.33
N ASP C 237 15.14 6.21 -30.68
CA ASP C 237 14.84 7.54 -31.22
C ASP C 237 13.35 7.69 -31.54
N ARG C 238 12.51 7.35 -30.57
CA ARG C 238 11.08 7.59 -30.71
C ARG C 238 10.82 9.09 -30.76
N VAL C 239 9.93 9.49 -31.68
CA VAL C 239 9.71 10.89 -32.00
C VAL C 239 8.37 11.31 -31.43
N TYR C 240 8.39 12.33 -30.58
CA TYR C 240 7.18 13.00 -30.10
C TYR C 240 7.08 14.33 -30.81
N SER C 241 6.15 14.45 -31.75
CA SER C 241 5.94 15.67 -32.52
C SER C 241 4.56 16.21 -32.16
N ASN C 242 4.50 17.01 -31.09
CA ASN C 242 3.25 17.63 -30.69
C ASN C 242 2.87 18.72 -31.68
N SER C 243 1.66 19.26 -31.51
CA SER C 243 1.13 20.25 -32.44
C SER C 243 0.62 21.45 -31.67
N ILE C 244 0.79 22.62 -32.27
CA ILE C 244 0.28 23.88 -31.74
C ILE C 244 -0.89 24.31 -32.62
N TYR C 245 -2.07 24.41 -31.99
CA TYR C 245 -3.31 24.80 -32.64
C TYR C 245 -3.63 26.26 -32.32
N GLU C 246 -4.65 26.79 -33.00
CA GLU C 246 -5.14 28.13 -32.75
C GLU C 246 -6.65 28.09 -32.59
N LEU C 247 -7.17 29.02 -31.79
CA LEU C 247 -8.58 29.08 -31.47
C LEU C 247 -9.18 30.37 -32.04
N LEU C 248 -10.34 30.26 -32.67
CA LEU C 248 -10.96 31.37 -33.39
C LEU C 248 -12.25 31.76 -32.70
N GLU C 249 -12.36 33.04 -32.35
CA GLU C 249 -13.59 33.64 -31.83
C GLU C 249 -14.05 34.66 -32.87
N ASN C 250 -15.21 34.39 -33.49
CA ASN C 250 -15.74 35.23 -34.56
C ASN C 250 -14.73 35.39 -35.70
N GLY C 251 -13.93 34.36 -35.93
CA GLY C 251 -12.91 34.40 -36.96
C GLY C 251 -11.62 35.07 -36.57
N GLN C 252 -11.52 35.62 -35.36
CA GLN C 252 -10.32 36.29 -34.90
C GLN C 252 -9.51 35.34 -34.02
N ARG C 253 -8.19 35.51 -34.04
CA ARG C 253 -7.29 34.64 -33.28
C ARG C 253 -7.39 34.95 -31.79
N ALA C 254 -8.25 34.22 -31.06
CA ALA C 254 -8.41 34.50 -29.64
C ALA C 254 -7.21 34.00 -28.83
N GLY C 255 -6.72 32.80 -29.15
CA GLY C 255 -5.57 32.26 -28.44
C GLY C 255 -5.04 31.03 -29.13
N THR C 256 -3.85 30.64 -28.70
CA THR C 256 -3.17 29.44 -29.22
C THR C 256 -2.78 28.56 -28.05
N CYS C 257 -2.66 27.26 -28.33
CA CYS C 257 -2.38 26.29 -27.27
C CYS C 257 -1.84 25.02 -27.90
N VAL C 258 -1.36 24.13 -27.04
CA VAL C 258 -0.92 22.79 -27.43
C VAL C 258 -2.06 21.84 -27.05
N LEU C 259 -2.85 21.44 -28.05
CA LEU C 259 -4.09 20.70 -27.82
C LEU C 259 -3.96 19.29 -28.36
N GLU C 260 -4.48 18.32 -27.60
CA GLU C 260 -4.58 16.95 -28.06
C GLU C 260 -5.68 16.25 -27.28
N TYR C 261 -5.95 15.01 -27.65
CA TYR C 261 -6.95 14.16 -27.00
C TYR C 261 -6.25 13.09 -26.17
N ALA C 262 -7.01 12.51 -25.24
CA ALA C 262 -6.52 11.36 -24.48
C ALA C 262 -6.78 10.10 -25.30
N THR C 263 -5.71 9.50 -25.80
CA THR C 263 -5.84 8.29 -26.61
C THR C 263 -6.55 7.14 -25.88
N PRO C 264 -6.35 6.89 -24.57
CA PRO C 264 -7.12 5.81 -23.94
C PRO C 264 -8.62 5.98 -24.04
N LEU C 265 -9.13 7.21 -24.10
CA LEU C 265 -10.55 7.40 -24.33
C LEU C 265 -10.98 6.89 -25.70
N GLN C 266 -10.17 7.16 -26.73
CA GLN C 266 -10.47 6.63 -28.06
C GLN C 266 -10.43 5.12 -28.06
N THR C 267 -9.46 4.53 -27.36
CA THR C 267 -9.42 3.07 -27.27
C THR C 267 -10.61 2.52 -26.49
N LEU C 268 -11.11 3.25 -25.49
CA LEU C 268 -12.31 2.84 -24.79
C LEU C 268 -13.51 2.84 -25.73
N PHE C 269 -13.64 3.89 -26.54
CA PHE C 269 -14.72 3.93 -27.52
C PHE C 269 -14.62 2.77 -28.49
N ALA C 270 -13.40 2.48 -28.98
CA ALA C 270 -13.22 1.37 -29.90
C ALA C 270 -13.57 0.04 -29.24
N MET C 271 -13.17 -0.15 -27.97
CA MET C 271 -13.56 -1.34 -27.25
C MET C 271 -15.08 -1.48 -27.16
N SER C 272 -15.78 -0.38 -26.90
CA SER C 272 -17.22 -0.42 -26.92
C SER C 272 -17.77 -0.77 -28.30
N GLN C 273 -17.05 -0.40 -29.35
CA GLN C 273 -17.47 -0.76 -30.70
C GLN C 273 -17.25 -2.24 -30.99
N TYR C 274 -16.09 -2.78 -30.63
CA TYR C 274 -15.79 -4.18 -30.90
C TYR C 274 -16.68 -5.10 -30.08
N SER C 275 -16.98 -6.26 -30.65
CA SER C 275 -17.80 -7.28 -29.99
C SER C 275 -16.98 -8.21 -29.12
N GLN C 276 -15.76 -8.56 -29.55
CA GLN C 276 -14.91 -9.45 -28.77
C GLN C 276 -14.44 -8.80 -27.48
N ALA C 277 -14.48 -7.47 -27.38
CA ALA C 277 -13.95 -6.80 -26.20
C ALA C 277 -14.81 -7.03 -24.96
N GLY C 278 -16.06 -7.46 -25.12
CA GLY C 278 -16.95 -7.58 -23.98
C GLY C 278 -17.15 -6.26 -23.27
N PHE C 279 -17.30 -5.18 -24.02
CA PHE C 279 -17.37 -3.83 -23.47
C PHE C 279 -18.65 -3.16 -23.98
N SER C 280 -19.46 -2.66 -23.05
CA SER C 280 -20.74 -2.07 -23.38
C SER C 280 -20.67 -0.55 -23.31
N ARG C 281 -21.70 0.09 -23.86
CA ARG C 281 -21.76 1.55 -23.86
C ARG C 281 -21.84 2.11 -22.45
N GLU C 282 -22.65 1.47 -21.58
CA GLU C 282 -22.70 1.90 -20.19
C GLU C 282 -21.35 1.72 -19.52
N ASP C 283 -20.71 0.56 -19.72
CA ASP C 283 -19.37 0.34 -19.21
C ASP C 283 -18.40 1.35 -19.80
N ARG C 284 -18.58 1.68 -21.09
CA ARG C 284 -17.72 2.69 -21.72
C ARG C 284 -17.81 4.02 -21.00
N LEU C 285 -19.04 4.46 -20.67
CA LEU C 285 -19.20 5.73 -19.99
C LEU C 285 -18.64 5.69 -18.57
N GLU C 286 -18.92 4.62 -17.82
CA GLU C 286 -18.37 4.53 -16.47
C GLU C 286 -16.85 4.55 -16.49
N GLN C 287 -16.23 3.78 -17.39
CA GLN C 287 -14.78 3.73 -17.41
C GLN C 287 -14.18 5.02 -17.98
N ALA C 288 -14.89 5.74 -18.84
CA ALA C 288 -14.41 7.06 -19.24
C ALA C 288 -14.38 8.00 -18.05
N LYS C 289 -15.44 8.00 -17.24
CA LYS C 289 -15.46 8.87 -16.07
C LYS C 289 -14.40 8.46 -15.05
N LEU C 290 -14.21 7.16 -14.85
CA LEU C 290 -13.16 6.69 -13.94
C LEU C 290 -11.77 7.05 -14.46
N PHE C 291 -11.55 6.96 -15.78
CA PHE C 291 -10.28 7.38 -16.34
C PHE C 291 -10.03 8.86 -16.10
N CYS C 292 -11.04 9.69 -16.31
CA CYS C 292 -10.88 11.11 -16.07
C CYS C 292 -10.57 11.39 -14.60
N ARG C 293 -11.30 10.74 -13.69
CA ARG C 293 -11.08 10.96 -12.26
C ARG C 293 -9.69 10.49 -11.83
N THR C 294 -9.27 9.32 -12.30
CA THR C 294 -7.95 8.80 -11.94
C THR C 294 -6.84 9.67 -12.50
N LEU C 295 -6.99 10.14 -13.74
CA LEU C 295 -5.98 11.04 -14.30
C LEU C 295 -5.92 12.35 -13.55
N GLU C 296 -7.08 12.89 -13.14
CA GLU C 296 -7.08 14.11 -12.33
C GLU C 296 -6.36 13.89 -11.01
N ASP C 297 -6.62 12.76 -10.35
CA ASP C 297 -5.95 12.47 -9.08
C ASP C 297 -4.45 12.33 -9.28
N ILE C 298 -4.03 11.63 -10.34
CA ILE C 298 -2.62 11.43 -10.61
C ILE C 298 -1.93 12.77 -10.85
N LEU C 299 -2.53 13.62 -11.69
CA LEU C 299 -1.94 14.92 -11.97
C LEU C 299 -1.91 15.81 -10.73
N ALA C 300 -2.91 15.67 -9.86
CA ALA C 300 -2.88 16.40 -8.60
C ALA C 300 -1.72 15.95 -7.73
N ASP C 301 -1.43 14.64 -7.72
CA ASP C 301 -0.36 14.12 -6.88
C ASP C 301 1.00 14.09 -7.59
N ALA C 302 1.02 14.02 -8.92
CA ALA C 302 2.28 13.86 -9.62
C ALA C 302 3.15 15.09 -9.48
N PRO C 303 4.48 14.93 -9.36
CA PRO C 303 5.36 16.10 -9.34
C PRO C 303 5.70 16.64 -10.71
N GLU C 304 5.59 15.82 -11.76
CA GLU C 304 5.86 16.31 -13.10
C GLU C 304 4.87 17.39 -13.52
N SER C 305 3.60 17.22 -13.17
CA SER C 305 2.56 18.18 -13.55
C SER C 305 2.43 19.22 -12.44
N GLN C 306 3.32 20.21 -12.47
CA GLN C 306 3.27 21.37 -11.57
C GLN C 306 2.98 22.59 -12.44
N ASN C 307 1.69 22.89 -12.60
CA ASN C 307 1.23 23.96 -13.49
C ASN C 307 1.72 23.75 -14.92
N ASN C 308 1.88 22.49 -15.31
CA ASN C 308 2.40 22.13 -16.63
C ASN C 308 1.37 21.47 -17.53
N CYS C 309 0.26 20.98 -16.98
CA CYS C 309 -0.75 20.28 -17.76
C CYS C 309 -2.13 20.64 -17.24
N ARG C 310 -3.10 20.71 -18.14
CA ARG C 310 -4.48 20.97 -17.79
C ARG C 310 -5.37 19.97 -18.50
N LEU C 311 -6.48 19.61 -17.85
CA LEU C 311 -7.43 18.63 -18.38
C LEU C 311 -8.74 19.32 -18.69
N ILE C 312 -9.25 19.10 -19.90
CA ILE C 312 -10.52 19.66 -20.35
C ILE C 312 -11.51 18.51 -20.43
N ALA C 313 -12.37 18.40 -19.42
CA ALA C 313 -13.41 17.37 -19.39
C ALA C 313 -14.73 17.99 -19.80
N TYR C 314 -15.39 17.39 -20.78
CA TYR C 314 -16.62 17.94 -21.32
C TYR C 314 -17.52 16.81 -21.80
N GLN C 315 -18.81 17.12 -21.93
CA GLN C 315 -19.79 16.18 -22.43
C GLN C 315 -20.66 16.88 -23.47
N GLU C 316 -20.87 16.22 -24.60
CA GLU C 316 -21.71 16.79 -25.66
C GLU C 316 -23.18 16.59 -25.30
N PRO C 317 -23.98 17.66 -25.23
CA PRO C 317 -25.40 17.56 -24.91
C PRO C 317 -26.24 17.07 -26.09
N PHE C 323 -23.21 23.49 -28.87
CA PHE C 323 -21.95 23.13 -28.22
C PHE C 323 -20.77 23.40 -29.16
N SER C 324 -19.67 23.89 -28.58
CA SER C 324 -18.46 24.16 -29.35
C SER C 324 -17.25 23.95 -28.45
N LEU C 325 -16.31 23.13 -28.92
CA LEU C 325 -15.11 22.85 -28.15
C LEU C 325 -14.24 24.09 -28.02
N SER C 326 -14.25 24.96 -29.03
CA SER C 326 -13.42 26.16 -29.00
C SER C 326 -13.78 27.05 -27.83
N GLN C 327 -15.08 27.21 -27.56
CA GLN C 327 -15.50 28.06 -26.45
C GLN C 327 -15.03 27.50 -25.11
N GLU C 328 -15.11 26.18 -24.94
CA GLU C 328 -14.63 25.58 -23.69
C GLU C 328 -13.13 25.75 -23.53
N VAL C 329 -12.36 25.55 -24.61
CA VAL C 329 -10.92 25.71 -24.51
C VAL C 329 -10.55 27.16 -24.23
N LEU C 330 -11.24 28.11 -24.85
CA LEU C 330 -11.00 29.52 -24.56
C LEU C 330 -11.36 29.86 -23.12
N ARG C 331 -12.45 29.29 -22.61
CA ARG C 331 -12.83 29.52 -21.22
C ARG C 331 -11.76 29.00 -20.27
N HIS C 332 -11.20 27.83 -20.58
CA HIS C 332 -10.08 27.31 -19.78
C HIS C 332 -8.81 28.14 -19.95
N LEU C 333 -8.65 28.82 -21.09
CA LEU C 333 -7.51 29.71 -21.27
C LEU C 333 -7.54 30.86 -20.27
N SER D 5 -0.70 -21.35 -25.63
CA SER D 5 0.60 -21.92 -25.93
C SER D 5 1.67 -20.83 -26.00
N LEU D 6 1.29 -19.61 -25.63
CA LEU D 6 2.23 -18.49 -25.63
C LEU D 6 3.37 -18.74 -24.65
N HIS D 7 3.04 -19.15 -23.43
CA HIS D 7 4.03 -19.42 -22.40
C HIS D 7 3.36 -20.34 -21.37
N PRO D 8 4.08 -21.33 -20.86
CA PRO D 8 3.45 -22.28 -19.92
C PRO D 8 2.90 -21.63 -18.66
N SER D 9 3.45 -20.50 -18.22
CA SER D 9 2.99 -19.87 -16.98
C SER D 9 1.73 -19.04 -17.18
N ILE D 10 1.26 -18.88 -18.41
CA ILE D 10 0.05 -18.10 -18.65
C ILE D 10 -1.16 -18.88 -18.16
N PRO D 11 -2.01 -18.32 -17.29
CA PRO D 11 -3.16 -19.07 -16.80
C PRO D 11 -4.20 -19.30 -17.89
N CYS D 12 -4.78 -20.49 -17.88
CA CYS D 12 -5.87 -20.81 -18.78
C CYS D 12 -7.18 -20.22 -18.23
N PRO D 13 -8.15 -19.95 -19.11
CA PRO D 13 -9.44 -19.43 -18.63
C PRO D 13 -10.11 -20.42 -17.69
N ARG D 14 -10.78 -19.87 -16.67
CA ARG D 14 -11.46 -20.71 -15.70
C ARG D 14 -12.62 -21.46 -16.36
N GLY D 15 -12.73 -22.75 -16.04
CA GLY D 15 -13.78 -23.58 -16.61
C GLY D 15 -14.98 -23.72 -15.71
N HIS D 16 -15.37 -24.96 -15.44
CA HIS D 16 -16.54 -25.26 -14.61
C HIS D 16 -16.19 -26.25 -13.53
N GLY D 17 -14.98 -26.14 -12.97
CA GLY D 17 -14.60 -27.02 -11.88
C GLY D 17 -15.43 -26.79 -10.63
N ALA D 18 -15.75 -25.52 -10.34
CA ALA D 18 -16.62 -25.23 -9.21
C ALA D 18 -18.01 -25.81 -9.42
N GLN D 19 -18.52 -25.76 -10.66
CA GLN D 19 -19.81 -26.37 -10.93
C GLN D 19 -19.79 -27.87 -10.75
N LYS D 20 -18.70 -28.53 -11.17
CA LYS D 20 -18.58 -29.97 -10.96
C LYS D 20 -18.51 -30.31 -9.48
N ALA D 21 -17.75 -29.52 -8.71
CA ALA D 21 -17.68 -29.74 -7.27
C ALA D 21 -19.04 -29.54 -6.63
N ALA D 22 -19.79 -28.53 -7.06
CA ALA D 22 -21.12 -28.31 -6.53
C ALA D 22 -22.06 -29.45 -6.88
N LEU D 23 -21.94 -30.00 -8.10
CA LEU D 23 -22.76 -31.15 -8.46
C LEU D 23 -22.42 -32.37 -7.60
N VAL D 24 -21.13 -32.60 -7.35
CA VAL D 24 -20.73 -33.71 -6.50
C VAL D 24 -21.23 -33.51 -5.07
N LEU D 25 -21.13 -32.28 -4.56
CA LEU D 25 -21.63 -31.98 -3.22
C LEU D 25 -23.14 -32.16 -3.15
N LEU D 26 -23.86 -31.74 -4.19
CA LEU D 26 -25.32 -31.95 -4.24
C LEU D 26 -25.65 -33.43 -4.21
N SER D 27 -24.93 -34.23 -5.00
CA SER D 27 -25.17 -35.66 -5.02
C SER D 27 -24.90 -36.29 -3.66
N ALA D 28 -23.79 -35.90 -3.03
CA ALA D 28 -23.45 -36.46 -1.72
C ALA D 28 -24.48 -36.06 -0.67
N CYS D 29 -24.94 -34.81 -0.71
CA CYS D 29 -25.95 -34.37 0.25
C CYS D 29 -27.27 -35.09 0.03
N LEU D 30 -27.67 -35.32 -1.22
CA LEU D 30 -28.87 -36.09 -1.47
C LEU D 30 -28.72 -37.51 -0.96
N VAL D 31 -27.55 -38.12 -1.18
CA VAL D 31 -27.32 -39.49 -0.73
C VAL D 31 -27.40 -39.58 0.79
N THR D 32 -26.78 -38.63 1.48
CA THR D 32 -26.79 -38.69 2.95
C THR D 32 -28.16 -38.33 3.52
N LEU D 33 -28.91 -37.46 2.84
CA LEU D 33 -30.28 -37.19 3.27
C LEU D 33 -31.15 -38.42 3.11
N TRP D 34 -30.99 -39.14 2.00
CA TRP D 34 -31.72 -40.40 1.81
C TRP D 34 -31.31 -41.44 2.84
N GLY D 35 -30.01 -41.50 3.15
CA GLY D 35 -29.51 -42.50 4.09
C GLY D 35 -29.79 -42.21 5.54
N LEU D 36 -30.14 -40.96 5.87
CA LEU D 36 -30.49 -40.65 7.26
C LEU D 36 -31.81 -41.27 7.68
N GLY D 37 -32.65 -41.69 6.72
CA GLY D 37 -33.90 -42.33 7.03
C GLY D 37 -34.83 -41.45 7.83
N GLU D 38 -34.96 -40.20 7.41
CA GLU D 38 -35.71 -39.21 8.16
C GLU D 38 -36.60 -38.44 7.19
N PRO D 39 -37.83 -38.11 7.60
CA PRO D 39 -38.87 -37.70 6.62
C PRO D 39 -38.42 -36.54 5.77
N PRO D 40 -38.80 -36.54 4.47
CA PRO D 40 -38.29 -35.50 3.56
C PRO D 40 -39.14 -34.25 3.49
N GLU D 41 -40.38 -34.27 3.99
CA GLU D 41 -41.16 -33.03 4.02
C GLU D 41 -40.49 -32.00 4.93
N HIS D 42 -39.95 -32.45 6.06
CA HIS D 42 -39.18 -31.55 6.92
C HIS D 42 -37.91 -31.07 6.22
N THR D 43 -37.28 -31.95 5.44
CA THR D 43 -36.11 -31.55 4.66
C THR D 43 -36.45 -30.42 3.69
N LEU D 44 -37.53 -30.58 2.94
CA LEU D 44 -37.95 -29.53 2.01
C LEU D 44 -38.32 -28.26 2.75
N ARG D 45 -39.00 -28.39 3.89
CA ARG D 45 -39.38 -27.21 4.67
C ARG D 45 -38.16 -26.44 5.12
N TYR D 46 -37.17 -27.14 5.68
CA TYR D 46 -35.94 -26.48 6.13
C TYR D 46 -35.21 -25.84 4.96
N LEU D 47 -35.14 -26.53 3.82
CA LEU D 47 -34.44 -25.97 2.66
C LEU D 47 -35.11 -24.69 2.17
N VAL D 48 -36.45 -24.71 2.06
CA VAL D 48 -37.17 -23.53 1.61
C VAL D 48 -36.98 -22.39 2.60
N LEU D 49 -37.01 -22.69 3.90
CA LEU D 49 -36.82 -21.66 4.91
C LEU D 49 -35.43 -21.05 4.84
N HIS D 50 -34.41 -21.89 4.61
CA HIS D 50 -33.04 -21.39 4.50
C HIS D 50 -32.86 -20.50 3.29
N LEU D 51 -33.39 -20.92 2.13
CA LEU D 51 -33.31 -20.06 0.95
C LEU D 51 -34.11 -18.77 1.15
N ALA D 52 -35.21 -18.83 1.90
CA ALA D 52 -35.94 -17.61 2.21
C ALA D 52 -35.10 -16.67 3.07
N SER D 53 -34.38 -17.22 4.04
CA SER D 53 -33.47 -16.40 4.85
C SER D 53 -32.39 -15.77 3.98
N LEU D 54 -31.83 -16.54 3.04
CA LEU D 54 -30.81 -15.99 2.16
C LEU D 54 -31.39 -14.87 1.30
N GLN D 55 -32.61 -15.04 0.80
CA GLN D 55 -33.23 -13.99 -0.02
C GLN D 55 -33.48 -12.72 0.79
N LEU D 56 -33.97 -12.86 2.02
CA LEU D 56 -34.21 -11.65 2.83
C LEU D 56 -32.89 -10.99 3.24
N GLY D 57 -31.86 -11.78 3.49
CA GLY D 57 -30.55 -11.20 3.76
C GLY D 57 -30.01 -10.44 2.57
N LEU D 58 -30.19 -10.99 1.36
CA LEU D 58 -29.80 -10.28 0.15
C LEU D 58 -30.61 -8.99 -0.01
N LEU D 59 -31.89 -9.04 0.33
CA LEU D 59 -32.72 -7.83 0.25
C LEU D 59 -32.20 -6.75 1.19
N LEU D 60 -31.88 -7.13 2.43
CA LEU D 60 -31.39 -6.13 3.38
C LEU D 60 -30.03 -5.58 2.97
N ASN D 61 -29.14 -6.45 2.47
CA ASN D 61 -27.85 -5.98 1.97
C ASN D 61 -28.03 -5.02 0.81
N GLY D 62 -28.95 -5.34 -0.12
CA GLY D 62 -29.23 -4.46 -1.23
C GLY D 62 -29.85 -3.15 -0.80
N VAL D 63 -30.67 -3.17 0.25
CA VAL D 63 -31.24 -1.92 0.76
C VAL D 63 -30.15 -1.03 1.32
N CYS D 64 -29.21 -1.61 2.08
CA CYS D 64 -28.08 -0.81 2.56
C CYS D 64 -27.24 -0.28 1.41
N SER D 65 -26.97 -1.12 0.41
CA SER D 65 -26.22 -0.67 -0.75
C SER D 65 -26.95 0.44 -1.49
N LEU D 66 -28.28 0.36 -1.57
CA LEU D 66 -29.08 1.41 -2.19
C LEU D 66 -28.98 2.71 -1.40
N ALA D 67 -29.01 2.62 -0.08
CA ALA D 67 -28.81 3.80 0.75
C ALA D 67 -27.45 4.43 0.47
N GLU D 68 -26.45 3.60 0.21
CA GLU D 68 -25.14 4.15 -0.16
C GLU D 68 -25.15 4.79 -1.54
N GLU D 69 -25.74 4.10 -2.53
CA GLU D 69 -25.62 4.49 -3.93
C GLU D 69 -26.59 5.59 -4.33
N LEU D 70 -27.60 5.91 -3.52
CA LEU D 70 -28.51 6.98 -3.89
C LEU D 70 -27.83 8.34 -3.93
N ARG D 71 -26.63 8.46 -3.37
CA ARG D 71 -25.86 9.69 -3.51
C ARG D 71 -25.25 9.83 -4.91
N HIS D 72 -24.97 8.71 -5.57
CA HIS D 72 -24.41 8.71 -6.92
C HIS D 72 -25.48 8.53 -7.98
N ILE D 73 -26.70 8.99 -7.73
CA ILE D 73 -27.79 8.79 -8.68
C ILE D 73 -27.58 9.65 -9.92
N HIS D 74 -27.15 10.90 -9.75
CA HIS D 74 -26.93 11.76 -10.91
C HIS D 74 -25.65 11.44 -11.64
N SER D 75 -24.65 10.91 -10.94
CA SER D 75 -23.36 10.64 -11.55
C SER D 75 -23.34 9.30 -12.27
N ARG D 76 -23.55 8.21 -11.53
CA ARG D 76 -23.44 6.87 -12.10
C ARG D 76 -24.72 6.38 -12.75
N TYR D 77 -25.88 6.86 -12.28
CA TYR D 77 -27.17 6.32 -12.71
C TYR D 77 -28.03 7.38 -13.41
N ARG D 78 -27.39 8.38 -14.00
CA ARG D 78 -28.02 9.43 -14.82
C ARG D 78 -29.35 9.90 -14.22
N GLY D 79 -29.34 10.12 -12.91
CA GLY D 79 -30.48 10.74 -12.24
C GLY D 79 -31.78 9.97 -12.34
N SER D 80 -31.72 8.65 -12.25
CA SER D 80 -32.92 7.81 -12.28
C SER D 80 -32.86 6.84 -11.12
N TYR D 81 -33.95 6.78 -10.34
CA TYR D 81 -34.01 5.86 -9.21
C TYR D 81 -34.09 4.41 -9.67
N TRP D 82 -34.70 4.16 -10.84
CA TRP D 82 -34.87 2.79 -11.30
C TRP D 82 -33.54 2.11 -11.58
N ARG D 83 -32.59 2.82 -12.20
CA ARG D 83 -31.29 2.23 -12.46
C ARG D 83 -30.53 1.98 -11.16
N THR D 84 -30.64 2.87 -10.18
CA THR D 84 -30.00 2.65 -8.90
C THR D 84 -30.56 1.42 -8.20
N VAL D 85 -31.89 1.29 -8.20
CA VAL D 85 -32.52 0.13 -7.58
C VAL D 85 -32.14 -1.16 -8.31
N ARG D 86 -32.07 -1.11 -9.64
CA ARG D 86 -31.64 -2.28 -10.40
C ARG D 86 -30.20 -2.65 -10.08
N ALA D 87 -29.33 -1.66 -9.94
CA ALA D 87 -27.93 -1.93 -9.62
C ALA D 87 -27.78 -2.53 -8.23
N CYS D 88 -28.57 -2.06 -7.27
CA CYS D 88 -28.41 -2.50 -5.89
C CYS D 88 -29.24 -3.73 -5.55
N LEU D 89 -30.21 -4.12 -6.38
CA LEU D 89 -31.08 -5.24 -6.06
C LEU D 89 -31.28 -6.20 -7.22
N GLY D 90 -30.45 -6.13 -8.26
CA GLY D 90 -30.70 -6.97 -9.41
C GLY D 90 -31.97 -6.54 -10.13
N CYS D 91 -32.58 -7.50 -10.82
CA CYS D 91 -33.83 -7.25 -11.52
C CYS D 91 -34.93 -6.98 -10.51
N PRO D 92 -35.59 -5.81 -10.55
CA PRO D 92 -36.61 -5.53 -9.54
C PRO D 92 -37.78 -6.51 -9.54
N LEU D 93 -38.20 -6.98 -10.71
CA LEU D 93 -39.37 -7.86 -10.77
C LEU D 93 -39.07 -9.23 -10.18
N ARG D 94 -37.96 -9.85 -10.60
CA ARG D 94 -37.62 -11.16 -10.06
C ARG D 94 -37.29 -11.09 -8.57
N ARG D 95 -36.56 -10.05 -8.16
CA ARG D 95 -36.25 -9.89 -6.75
C ARG D 95 -37.51 -9.70 -5.93
N GLY D 96 -38.45 -8.88 -6.42
CA GLY D 96 -39.71 -8.72 -5.72
C GLY D 96 -40.50 -10.01 -5.62
N ALA D 97 -40.55 -10.77 -6.71
CA ALA D 97 -41.26 -12.05 -6.68
C ALA D 97 -40.63 -12.98 -5.64
N LEU D 98 -39.31 -13.06 -5.62
CA LEU D 98 -38.63 -13.94 -4.66
C LEU D 98 -38.86 -13.47 -3.22
N LEU D 99 -38.84 -12.16 -2.98
CA LEU D 99 -39.05 -11.67 -1.61
C LEU D 99 -40.48 -11.90 -1.15
N LEU D 100 -41.48 -11.68 -2.01
CA LEU D 100 -42.85 -12.01 -1.60
C LEU D 100 -43.01 -13.51 -1.37
N LEU D 101 -42.37 -14.34 -2.19
CA LEU D 101 -42.44 -15.78 -1.96
C LEU D 101 -41.81 -16.15 -0.62
N SER D 102 -40.67 -15.56 -0.29
CA SER D 102 -40.01 -15.85 0.98
C SER D 102 -40.85 -15.38 2.16
N ILE D 103 -41.44 -14.19 2.06
CA ILE D 103 -42.29 -13.68 3.14
C ILE D 103 -43.49 -14.59 3.35
N TYR D 104 -44.11 -15.04 2.25
CA TYR D 104 -45.24 -15.95 2.37
C TYR D 104 -44.82 -17.27 2.99
N PHE D 105 -43.64 -17.78 2.62
CA PHE D 105 -43.19 -19.05 3.16
C PHE D 105 -42.88 -18.97 4.65
N TYR D 106 -42.34 -17.85 5.12
CA TYR D 106 -42.19 -17.67 6.57
C TYR D 106 -43.54 -17.54 7.25
N TYR D 107 -44.42 -16.69 6.72
CA TYR D 107 -45.69 -16.46 7.40
C TYR D 107 -46.61 -17.69 7.34
N SER D 108 -46.28 -18.66 6.49
CA SER D 108 -47.10 -19.86 6.33
C SER D 108 -46.49 -21.09 6.99
N LEU D 109 -45.24 -21.40 6.67
CA LEU D 109 -44.61 -22.58 7.23
C LEU D 109 -44.47 -22.43 8.74
N PRO D 110 -44.72 -23.50 9.53
CA PRO D 110 -44.74 -23.44 11.00
C PRO D 110 -43.39 -23.06 11.60
N PRO D 116 -41.49 -17.62 15.97
CA PRO D 116 -42.18 -16.47 15.39
C PRO D 116 -41.65 -16.12 14.00
N PHE D 117 -42.08 -14.97 13.46
CA PHE D 117 -41.59 -14.48 12.19
C PHE D 117 -40.90 -13.13 12.33
N THR D 118 -41.53 -12.18 13.01
CA THR D 118 -40.92 -10.86 13.20
C THR D 118 -39.65 -10.95 14.04
N TRP D 119 -39.60 -11.91 14.98
CA TRP D 119 -38.38 -12.13 15.74
C TRP D 119 -37.26 -12.64 14.85
N MET D 120 -37.57 -13.63 14.00
CA MET D 120 -36.58 -14.13 13.06
C MET D 120 -36.17 -13.04 12.07
N LEU D 121 -37.12 -12.22 11.64
CA LEU D 121 -36.80 -11.13 10.72
C LEU D 121 -35.86 -10.12 11.36
N ALA D 122 -36.13 -9.74 12.61
CA ALA D 122 -35.26 -8.80 13.30
C ALA D 122 -33.87 -9.38 13.52
N LEU D 123 -33.80 -10.67 13.87
CA LEU D 123 -32.50 -11.28 14.10
C LEU D 123 -31.72 -11.43 12.80
N LEU D 124 -32.40 -11.72 11.70
CA LEU D 124 -31.75 -11.77 10.40
C LEU D 124 -31.25 -10.40 9.97
N GLY D 125 -32.04 -9.36 10.26
CA GLY D 125 -31.56 -8.00 9.99
C GLY D 125 -30.34 -7.67 10.80
N LEU D 126 -30.30 -8.09 12.07
CA LEU D 126 -29.11 -7.90 12.90
C LEU D 126 -27.91 -8.64 12.30
N SER D 127 -28.12 -9.87 11.84
CA SER D 127 -27.03 -10.63 11.23
C SER D 127 -26.50 -9.93 9.98
N GLN D 128 -27.41 -9.42 9.14
CA GLN D 128 -26.98 -8.71 7.94
C GLN D 128 -26.24 -7.43 8.28
N ALA D 129 -26.71 -6.71 9.30
CA ALA D 129 -26.01 -5.50 9.74
C ALA D 129 -24.61 -5.82 10.21
N LEU D 130 -24.46 -6.90 10.98
CA LEU D 130 -23.12 -7.32 11.41
C LEU D 130 -22.26 -7.71 10.22
N ASN D 131 -22.85 -8.42 9.24
CA ASN D 131 -22.09 -8.81 8.05
C ASN D 131 -21.57 -7.59 7.32
N ILE D 132 -22.40 -6.56 7.19
CA ILE D 132 -21.96 -5.35 6.47
C ILE D 132 -20.92 -4.59 7.29
N LEU D 133 -21.16 -4.42 8.59
CA LEU D 133 -20.30 -3.55 9.39
C LEU D 133 -18.93 -4.18 9.65
N LEU D 134 -18.90 -5.47 10.03
CA LEU D 134 -17.64 -6.14 10.32
C LEU D 134 -17.04 -6.84 9.11
N GLY D 135 -17.75 -6.89 7.99
CA GLY D 135 -17.26 -7.54 6.79
C GLY D 135 -17.10 -9.04 6.91
N LEU D 136 -18.07 -9.72 7.53
CA LEU D 136 -18.01 -11.18 7.61
C LEU D 136 -18.10 -11.80 6.22
N LYS D 137 -19.05 -11.36 5.41
CA LYS D 137 -19.26 -11.91 4.07
C LYS D 137 -18.52 -11.04 3.07
N GLY D 138 -17.22 -11.26 2.98
CA GLY D 138 -16.37 -10.57 2.03
C GLY D 138 -16.25 -11.31 0.72
N LEU D 139 -15.09 -11.17 0.08
CA LEU D 139 -14.84 -11.84 -1.19
C LEU D 139 -13.42 -12.39 -1.18
N ALA D 140 -13.31 -13.71 -1.37
CA ALA D 140 -12.00 -14.33 -1.41
C ALA D 140 -11.26 -13.93 -2.69
N PRO D 141 -9.93 -13.93 -2.66
CA PRO D 141 -9.19 -13.53 -3.87
C PRO D 141 -9.53 -14.35 -5.10
N ALA D 142 -9.77 -15.65 -4.93
CA ALA D 142 -10.19 -16.48 -6.06
C ALA D 142 -11.54 -16.02 -6.60
N GLU D 143 -12.47 -15.69 -5.70
CA GLU D 143 -13.78 -15.21 -6.14
C GLU D 143 -13.67 -13.88 -6.88
N ILE D 144 -12.86 -12.96 -6.36
CA ILE D 144 -12.67 -11.68 -7.04
C ILE D 144 -12.05 -11.88 -8.41
N SER D 145 -11.04 -12.75 -8.49
CA SER D 145 -10.41 -13.04 -9.77
C SER D 145 -11.40 -13.62 -10.76
N ALA D 146 -12.24 -14.56 -10.31
CA ALA D 146 -13.22 -15.17 -11.21
C ALA D 146 -14.24 -14.15 -11.68
N VAL D 147 -14.73 -13.29 -10.78
CA VAL D 147 -15.70 -12.27 -11.16
C VAL D 147 -15.08 -11.29 -12.15
N CYS D 148 -13.85 -10.85 -11.88
CA CYS D 148 -13.19 -9.90 -12.76
C CYS D 148 -12.94 -10.50 -14.14
N GLU D 149 -12.52 -11.76 -14.20
CA GLU D 149 -12.31 -12.40 -15.49
C GLU D 149 -13.61 -12.63 -16.24
N LYS D 150 -14.69 -12.93 -15.53
CA LYS D 150 -15.99 -13.11 -16.19
C LYS D 150 -16.50 -11.79 -16.75
N GLY D 151 -16.45 -10.72 -15.96
CA GLY D 151 -16.92 -9.42 -16.38
C GLY D 151 -15.89 -8.54 -17.05
N ASN D 152 -14.68 -9.06 -17.28
CA ASN D 152 -13.60 -8.30 -17.92
C ASN D 152 -13.28 -7.02 -17.15
N PHE D 153 -13.29 -7.11 -15.83
CA PHE D 153 -12.91 -5.98 -14.98
C PHE D 153 -11.42 -6.04 -14.64
N ASN D 154 -10.58 -6.15 -15.66
CA ASN D 154 -9.14 -6.30 -15.48
C ASN D 154 -8.40 -5.10 -16.06
N VAL D 155 -7.33 -4.69 -15.37
CA VAL D 155 -6.44 -3.68 -15.92
C VAL D 155 -5.83 -4.18 -17.22
N ALA D 156 -5.41 -5.45 -17.23
CA ALA D 156 -4.76 -6.03 -18.41
C ALA D 156 -5.68 -6.08 -19.62
N HIS D 157 -6.98 -6.34 -19.40
CA HIS D 157 -7.90 -6.40 -20.53
C HIS D 157 -7.95 -5.07 -21.27
N GLY D 158 -8.18 -3.98 -20.53
CA GLY D 158 -8.19 -2.66 -21.15
C GLY D 158 -6.84 -2.30 -21.73
N LEU D 159 -5.75 -2.65 -21.03
CA LEU D 159 -4.42 -2.32 -21.53
C LEU D 159 -4.13 -3.00 -22.85
N ALA D 160 -4.45 -4.29 -22.97
CA ALA D 160 -4.14 -5.01 -24.20
C ALA D 160 -5.06 -4.59 -25.34
N TRP D 161 -6.35 -4.34 -25.04
CA TRP D 161 -7.23 -3.87 -26.10
C TRP D 161 -6.82 -2.49 -26.58
N SER D 162 -6.38 -1.62 -25.67
CA SER D 162 -5.88 -0.31 -26.06
C SER D 162 -4.56 -0.41 -26.83
N TYR D 163 -3.70 -1.36 -26.46
CA TYR D 163 -2.47 -1.57 -27.22
C TYR D 163 -2.77 -2.02 -28.64
N TYR D 164 -3.77 -2.90 -28.81
CA TYR D 164 -4.14 -3.34 -30.14
C TYR D 164 -4.77 -2.19 -30.95
N ILE D 165 -5.74 -1.49 -30.36
CA ILE D 165 -6.49 -0.49 -31.10
C ILE D 165 -5.63 0.73 -31.41
N GLY D 166 -4.91 1.23 -30.41
CA GLY D 166 -4.20 2.48 -30.58
C GLY D 166 -2.90 2.38 -31.34
N TYR D 167 -2.24 1.21 -31.30
CA TYR D 167 -0.94 1.07 -31.93
C TYR D 167 -0.92 0.03 -33.04
N LEU D 168 -1.33 -1.21 -32.75
CA LEU D 168 -1.02 -2.33 -33.65
C LEU D 168 -1.79 -2.23 -34.96
N ARG D 169 -3.10 -1.99 -34.89
CA ARG D 169 -3.89 -1.89 -36.10
C ARG D 169 -3.55 -0.64 -36.91
N LEU D 170 -2.85 0.32 -36.31
CA LEU D 170 -2.42 1.50 -37.02
C LEU D 170 -1.18 1.27 -37.87
N ILE D 171 -0.37 0.26 -37.55
CA ILE D 171 0.92 0.11 -38.21
C ILE D 171 1.03 -1.18 -39.01
N LEU D 172 0.36 -2.26 -38.57
CA LEU D 172 0.74 -3.60 -39.02
C LEU D 172 0.77 -3.76 -40.54
N PRO D 173 -0.29 -3.42 -41.30
CA PRO D 173 -0.16 -3.54 -42.76
C PRO D 173 0.82 -2.54 -43.35
N GLU D 174 0.78 -1.30 -42.87
CA GLU D 174 1.78 -0.32 -43.27
C GLU D 174 3.17 -0.75 -42.84
N LEU D 175 3.29 -1.46 -41.71
CA LEU D 175 4.60 -1.96 -41.30
C LEU D 175 5.11 -3.00 -42.28
N GLN D 176 4.25 -3.90 -42.74
CA GLN D 176 4.67 -4.86 -43.76
C GLN D 176 5.09 -4.16 -45.04
N ALA D 177 4.33 -3.14 -45.46
CA ALA D 177 4.69 -2.39 -46.66
C ALA D 177 6.04 -1.69 -46.49
N ARG D 178 6.28 -1.09 -45.32
CA ARG D 178 7.54 -0.41 -45.07
C ARG D 178 8.70 -1.40 -45.07
N ILE D 179 8.49 -2.60 -44.51
CA ILE D 179 9.54 -3.61 -44.53
C ILE D 179 9.87 -4.01 -45.97
N ARG D 180 8.84 -4.20 -46.79
CA ARG D 180 9.08 -4.56 -48.19
C ARG D 180 9.83 -3.44 -48.91
N THR D 181 9.44 -2.19 -48.66
CA THR D 181 10.12 -1.05 -49.30
C THR D 181 11.58 -0.95 -48.85
N TYR D 182 11.83 -1.14 -47.56
CA TYR D 182 13.20 -1.08 -47.06
C TYR D 182 14.04 -2.21 -47.65
N ASN D 183 13.46 -3.40 -47.78
CA ASN D 183 14.21 -4.52 -48.37
C ASN D 183 14.52 -4.27 -49.84
N GLN D 184 13.55 -3.76 -50.60
CA GLN D 184 13.81 -3.53 -52.02
C GLN D 184 14.76 -2.36 -52.24
N HIS D 185 14.74 -1.37 -51.34
CA HIS D 185 15.68 -0.26 -51.43
C HIS D 185 17.10 -0.70 -51.09
N TYR D 186 17.24 -1.55 -50.07
CA TYR D 186 18.56 -2.00 -49.63
C TYR D 186 18.91 -3.35 -50.24
N GLY D 192 20.57 -10.11 -46.28
CA GLY D 192 20.27 -9.37 -45.07
C GLY D 192 18.87 -8.79 -45.04
N ALA D 193 17.94 -9.47 -45.71
CA ALA D 193 16.56 -9.02 -45.73
C ALA D 193 15.93 -9.15 -44.35
N VAL D 194 15.12 -8.16 -43.98
CA VAL D 194 14.46 -8.14 -42.69
C VAL D 194 13.17 -8.97 -42.79
N SER D 195 12.83 -9.63 -41.68
CA SER D 195 11.59 -10.40 -41.63
C SER D 195 10.39 -9.47 -41.72
N GLN D 196 9.34 -9.95 -42.38
CA GLN D 196 8.16 -9.16 -42.68
C GLN D 196 7.18 -9.07 -41.52
N ARG D 197 7.61 -9.34 -40.28
CA ARG D 197 6.72 -9.34 -39.14
C ARG D 197 7.32 -8.51 -38.01
N LEU D 198 6.44 -7.89 -37.23
CA LEU D 198 6.82 -7.16 -36.04
C LEU D 198 6.91 -8.13 -34.87
N TYR D 199 8.07 -8.23 -34.24
CA TYR D 199 8.27 -9.14 -33.12
C TYR D 199 8.15 -8.34 -31.83
N ILE D 200 7.07 -8.59 -31.08
CA ILE D 200 6.77 -7.88 -29.85
C ILE D 200 7.11 -8.80 -28.68
N LEU D 201 8.02 -8.33 -27.83
CA LEU D 201 8.47 -9.11 -26.68
C LEU D 201 7.58 -8.82 -25.48
N LEU D 202 7.22 -9.88 -24.76
CA LEU D 202 6.37 -9.80 -23.57
C LEU D 202 7.15 -10.37 -22.40
N PRO D 203 7.84 -9.52 -21.62
CA PRO D 203 8.52 -9.98 -20.41
C PRO D 203 7.53 -10.20 -19.29
N LEU D 204 7.27 -11.48 -18.98
CA LEU D 204 6.25 -11.80 -17.99
C LEU D 204 6.63 -11.31 -16.60
N ASP D 205 7.84 -11.67 -16.13
CA ASP D 205 8.23 -11.34 -14.77
C ASP D 205 8.70 -9.90 -14.66
N CYS D 206 9.78 -9.56 -15.35
CA CYS D 206 10.41 -8.26 -15.22
C CYS D 206 11.34 -8.05 -16.40
N GLY D 207 11.78 -6.80 -16.56
CA GLY D 207 12.76 -6.45 -17.57
C GLY D 207 12.17 -5.81 -18.80
N VAL D 208 12.23 -4.49 -18.87
CA VAL D 208 11.73 -3.75 -20.03
C VAL D 208 12.62 -2.53 -20.28
N PRO D 209 13.87 -2.73 -20.69
CA PRO D 209 14.77 -1.59 -20.90
C PRO D 209 14.34 -0.76 -22.10
N ASP D 210 14.79 0.49 -22.10
CA ASP D 210 14.52 1.39 -23.22
C ASP D 210 15.33 1.02 -24.46
N ASN D 211 16.35 0.17 -24.32
CA ASN D 211 17.15 -0.29 -25.44
C ASN D 211 17.24 -1.81 -25.40
N LEU D 212 17.18 -2.43 -26.58
CA LEU D 212 17.42 -3.87 -26.65
C LEU D 212 18.85 -4.21 -26.27
N SER D 213 19.78 -3.28 -26.48
CA SER D 213 21.17 -3.52 -26.09
C SER D 213 21.29 -3.67 -24.58
N MET D 214 20.56 -2.86 -23.81
CA MET D 214 20.56 -3.00 -22.36
C MET D 214 20.00 -4.35 -21.94
N ALA D 215 18.89 -4.78 -22.57
CA ALA D 215 18.35 -6.10 -22.27
C ALA D 215 19.32 -7.20 -22.70
N ASP D 216 19.92 -7.06 -23.87
CA ASP D 216 20.90 -8.02 -24.36
C ASP D 216 21.84 -7.34 -25.35
N PRO D 217 23.12 -7.24 -25.03
CA PRO D 217 24.07 -6.61 -25.98
C PRO D 217 24.21 -7.37 -27.28
N ASN D 218 23.77 -8.63 -27.33
CA ASN D 218 23.82 -9.43 -28.55
C ASN D 218 22.90 -8.87 -29.63
N ILE D 219 21.92 -8.04 -29.26
CA ILE D 219 21.01 -7.39 -30.19
C ILE D 219 21.52 -6.00 -30.48
N ARG D 220 21.69 -5.66 -31.76
CA ARG D 220 22.29 -4.38 -32.13
C ARG D 220 21.38 -3.63 -33.09
N PHE D 221 21.13 -2.36 -32.79
CA PHE D 221 20.33 -1.51 -33.69
C PHE D 221 21.03 -1.36 -35.03
N LEU D 222 20.29 -1.65 -36.11
CA LEU D 222 20.85 -1.60 -37.46
C LEU D 222 20.47 -0.32 -38.21
N ASP D 223 19.19 -0.06 -38.36
CA ASP D 223 18.71 1.09 -39.11
C ASP D 223 17.30 1.41 -38.65
N LYS D 224 16.66 2.37 -39.31
CA LYS D 224 15.30 2.78 -39.01
C LYS D 224 14.43 2.58 -40.23
N LEU D 225 13.22 2.05 -40.01
CA LEU D 225 12.28 1.87 -41.10
C LEU D 225 11.81 3.23 -41.61
N PRO D 226 11.41 3.32 -42.88
CA PRO D 226 10.82 4.58 -43.38
C PRO D 226 9.68 5.04 -42.52
N GLN D 227 9.85 6.19 -41.86
CA GLN D 227 8.92 6.61 -40.81
C GLN D 227 7.52 6.81 -41.37
N GLN D 228 6.52 6.42 -40.60
CA GLN D 228 5.12 6.54 -40.96
C GLN D 228 4.52 7.74 -40.23
N THR D 229 3.94 8.66 -40.98
CA THR D 229 3.40 9.90 -40.43
C THR D 229 1.92 9.99 -40.78
N GLY D 230 1.07 9.76 -39.79
CA GLY D 230 -0.36 9.93 -39.96
C GLY D 230 -0.98 10.47 -38.70
N ASP D 231 -2.00 11.31 -38.88
CA ASP D 231 -2.67 11.92 -37.74
C ASP D 231 -3.41 10.87 -36.93
N HIS D 232 -3.45 11.06 -35.61
CA HIS D 232 -4.03 10.06 -34.72
C HIS D 232 -4.43 10.74 -33.42
N ALA D 233 -5.74 10.81 -33.16
CA ALA D 233 -6.29 11.30 -31.90
C ALA D 233 -5.84 12.72 -31.60
N GLY D 234 -6.22 13.65 -32.48
CA GLY D 234 -6.04 15.05 -32.24
C GLY D 234 -4.65 15.59 -32.47
N ILE D 235 -3.73 14.77 -32.98
CA ILE D 235 -2.35 15.19 -33.24
C ILE D 235 -2.11 15.08 -34.74
N LYS D 236 -1.81 16.21 -35.37
CA LYS D 236 -1.53 16.22 -36.80
C LYS D 236 -0.15 15.63 -37.06
N ASP D 237 -0.08 14.71 -38.03
CA ASP D 237 1.18 14.18 -38.54
C ASP D 237 1.98 13.51 -37.41
N ARG D 238 1.34 12.54 -36.75
CA ARG D 238 2.03 11.79 -35.71
C ARG D 238 3.06 10.86 -36.34
N VAL D 239 4.27 10.88 -35.81
CA VAL D 239 5.42 10.20 -36.43
C VAL D 239 5.63 8.86 -35.75
N TYR D 240 5.70 7.80 -36.55
CA TYR D 240 6.05 6.47 -36.10
C TYR D 240 7.42 6.10 -36.65
N SER D 241 8.34 5.74 -35.76
CA SER D 241 9.70 5.37 -36.15
C SER D 241 10.02 4.00 -35.55
N ASN D 242 9.93 2.97 -36.38
CA ASN D 242 10.25 1.61 -35.95
C ASN D 242 11.71 1.29 -36.27
N SER D 243 12.36 0.60 -35.35
CA SER D 243 13.80 0.35 -35.42
C SER D 243 14.07 -1.10 -35.81
N ILE D 244 14.96 -1.30 -36.77
CA ILE D 244 15.40 -2.63 -37.15
C ILE D 244 16.56 -3.05 -36.25
N TYR D 245 16.54 -4.30 -35.81
CA TYR D 245 17.59 -4.84 -34.95
C TYR D 245 18.19 -6.07 -35.59
N GLU D 246 19.52 -6.13 -35.61
CA GLU D 246 20.26 -7.34 -35.91
C GLU D 246 20.31 -8.23 -34.69
N LEU D 247 19.92 -9.48 -34.87
CA LEU D 247 20.05 -10.53 -33.86
C LEU D 247 21.29 -11.33 -34.23
N LEU D 248 22.36 -11.14 -33.47
CA LEU D 248 23.65 -11.73 -33.82
C LEU D 248 23.84 -13.09 -33.14
N GLU D 249 24.83 -13.83 -33.63
CA GLU D 249 25.21 -15.12 -33.08
C GLU D 249 26.70 -15.29 -33.30
N ASN D 250 27.48 -15.22 -32.20
CA ASN D 250 28.94 -15.28 -32.27
C ASN D 250 29.50 -14.16 -33.16
N GLY D 251 28.91 -12.97 -33.07
CA GLY D 251 29.40 -11.82 -33.79
C GLY D 251 29.00 -11.73 -35.24
N GLN D 252 28.15 -12.65 -35.72
CA GLN D 252 27.71 -12.65 -37.11
C GLN D 252 26.21 -12.39 -37.16
N ARG D 253 25.75 -11.86 -38.29
CA ARG D 253 24.33 -11.54 -38.44
C ARG D 253 23.52 -12.81 -38.59
N ALA D 254 23.08 -13.39 -37.47
CA ALA D 254 22.20 -14.54 -37.54
C ALA D 254 20.86 -14.18 -38.16
N GLY D 255 20.32 -13.01 -37.82
CA GLY D 255 19.09 -12.54 -38.43
C GLY D 255 18.92 -11.07 -38.20
N THR D 256 17.82 -10.53 -38.73
CA THR D 256 17.50 -9.12 -38.51
C THR D 256 16.00 -8.94 -38.72
N CYS D 257 15.38 -8.13 -37.86
CA CYS D 257 13.94 -7.90 -37.94
C CYS D 257 13.55 -6.75 -37.02
N VAL D 258 12.26 -6.46 -36.96
CA VAL D 258 11.74 -5.29 -36.26
C VAL D 258 11.31 -5.73 -34.86
N LEU D 259 12.16 -5.47 -33.87
CA LEU D 259 11.89 -5.79 -32.48
C LEU D 259 11.13 -4.64 -31.81
N GLU D 260 10.30 -4.98 -30.84
CA GLU D 260 9.64 -3.97 -30.03
C GLU D 260 9.26 -4.58 -28.70
N TYR D 261 9.00 -3.71 -27.72
CA TYR D 261 8.53 -4.11 -26.40
C TYR D 261 7.08 -3.64 -26.23
N ALA D 262 6.29 -4.47 -25.56
CA ALA D 262 4.91 -4.08 -25.23
C ALA D 262 4.94 -3.04 -24.12
N THR D 263 4.71 -1.78 -24.50
CA THR D 263 4.78 -0.70 -23.53
C THR D 263 3.79 -0.81 -22.38
N PRO D 264 2.58 -1.38 -22.53
CA PRO D 264 1.72 -1.56 -21.35
C PRO D 264 2.35 -2.45 -20.29
N LEU D 265 3.24 -3.38 -20.64
CA LEU D 265 3.93 -4.16 -19.62
C LEU D 265 4.90 -3.29 -18.83
N GLN D 266 5.64 -2.43 -19.54
CA GLN D 266 6.49 -1.44 -18.86
C GLN D 266 5.67 -0.60 -17.90
N THR D 267 4.48 -0.17 -18.34
CA THR D 267 3.67 0.66 -17.46
C THR D 267 3.05 -0.13 -16.31
N LEU D 268 2.78 -1.42 -16.51
CA LEU D 268 2.37 -2.26 -15.40
C LEU D 268 3.46 -2.33 -14.34
N PHE D 269 4.71 -2.51 -14.77
CA PHE D 269 5.83 -2.47 -13.82
C PHE D 269 5.90 -1.13 -13.10
N ALA D 270 5.78 -0.04 -13.85
CA ALA D 270 5.83 1.29 -13.24
C ALA D 270 4.70 1.49 -12.24
N MET D 271 3.50 1.01 -12.57
CA MET D 271 2.38 1.07 -11.62
C MET D 271 2.69 0.31 -10.36
N SER D 272 3.29 -0.88 -10.49
CA SER D 272 3.69 -1.62 -9.30
C SER D 272 4.73 -0.85 -8.49
N GLN D 273 5.52 -0.01 -9.15
CA GLN D 273 6.49 0.80 -8.41
C GLN D 273 5.81 1.90 -7.60
N TYR D 274 4.84 2.59 -8.19
CA TYR D 274 4.21 3.73 -7.51
C TYR D 274 3.32 3.27 -6.36
N SER D 275 3.32 4.06 -5.28
CA SER D 275 2.48 3.77 -4.13
C SER D 275 1.03 4.18 -4.37
N GLN D 276 0.81 5.29 -5.07
CA GLN D 276 -0.54 5.79 -5.30
C GLN D 276 -1.35 4.88 -6.21
N ALA D 277 -0.68 4.05 -7.01
CA ALA D 277 -1.39 3.19 -7.95
C ALA D 277 -2.23 2.12 -7.27
N GLY D 278 -1.92 1.78 -6.03
CA GLY D 278 -2.61 0.66 -5.39
C GLY D 278 -2.38 -0.64 -6.12
N PHE D 279 -1.16 -0.85 -6.61
CA PHE D 279 -0.82 -1.98 -7.46
C PHE D 279 0.34 -2.72 -6.82
N SER D 280 0.22 -4.04 -6.71
CA SER D 280 1.21 -4.87 -6.03
C SER D 280 1.99 -5.71 -7.04
N ARG D 281 3.10 -6.29 -6.55
CA ARG D 281 3.94 -7.13 -7.39
C ARG D 281 3.21 -8.36 -7.86
N GLU D 282 2.45 -9.00 -6.96
CA GLU D 282 1.62 -10.14 -7.37
C GLU D 282 0.59 -9.72 -8.40
N ASP D 283 -0.07 -8.59 -8.16
CA ASP D 283 -1.01 -8.05 -9.14
C ASP D 283 -0.29 -7.70 -10.44
N ARG D 284 0.93 -7.17 -10.34
CA ARG D 284 1.69 -6.83 -11.54
C ARG D 284 1.94 -8.06 -12.39
N LEU D 285 2.42 -9.14 -11.78
CA LEU D 285 2.68 -10.36 -12.54
C LEU D 285 1.39 -10.95 -13.10
N GLU D 286 0.33 -10.97 -12.28
CA GLU D 286 -0.94 -11.53 -12.74
C GLU D 286 -1.48 -10.75 -13.94
N GLN D 287 -1.46 -9.42 -13.86
CA GLN D 287 -1.96 -8.61 -14.97
C GLN D 287 -1.05 -8.68 -16.18
N ALA D 288 0.26 -8.86 -15.99
CA ALA D 288 1.12 -9.10 -17.15
C ALA D 288 0.73 -10.39 -17.86
N LYS D 289 0.46 -11.44 -17.09
CA LYS D 289 0.03 -12.71 -17.69
C LYS D 289 -1.29 -12.56 -18.43
N LEU D 290 -2.26 -11.89 -17.81
CA LEU D 290 -3.54 -11.66 -18.51
C LEU D 290 -3.38 -10.77 -19.73
N PHE D 291 -2.49 -9.77 -19.65
CA PHE D 291 -2.24 -8.91 -20.81
C PHE D 291 -1.75 -9.74 -21.98
N CYS D 292 -0.74 -10.59 -21.74
CA CYS D 292 -0.24 -11.44 -22.82
C CYS D 292 -1.33 -12.38 -23.33
N ARG D 293 -2.10 -12.97 -22.41
CA ARG D 293 -3.13 -13.92 -22.81
C ARG D 293 -4.18 -13.27 -23.71
N THR D 294 -4.74 -12.13 -23.28
CA THR D 294 -5.79 -11.50 -24.07
C THR D 294 -5.23 -10.84 -25.32
N LEU D 295 -3.98 -10.38 -25.31
CA LEU D 295 -3.40 -9.85 -26.53
C LEU D 295 -3.24 -10.95 -27.57
N GLU D 296 -2.78 -12.13 -27.17
CA GLU D 296 -2.72 -13.26 -28.10
C GLU D 296 -4.11 -13.65 -28.57
N ASP D 297 -5.08 -13.64 -27.66
CA ASP D 297 -6.45 -14.04 -28.01
C ASP D 297 -7.05 -13.08 -29.03
N ILE D 298 -6.82 -11.77 -28.88
CA ILE D 298 -7.39 -10.81 -29.82
C ILE D 298 -6.58 -10.70 -31.10
N LEU D 299 -5.29 -11.05 -31.07
CA LEU D 299 -4.53 -11.12 -32.31
C LEU D 299 -4.88 -12.35 -33.13
N ALA D 300 -5.34 -13.42 -32.45
CA ALA D 300 -5.77 -14.61 -33.18
C ALA D 300 -6.95 -14.32 -34.08
N ASP D 301 -7.91 -13.54 -33.60
CA ASP D 301 -9.11 -13.21 -34.35
C ASP D 301 -9.03 -11.84 -35.02
N ALA D 302 -7.91 -11.14 -34.91
CA ALA D 302 -7.79 -9.82 -35.49
C ALA D 302 -7.76 -9.91 -37.02
N PRO D 303 -8.35 -8.92 -37.70
CA PRO D 303 -8.26 -8.90 -39.17
C PRO D 303 -6.98 -8.23 -39.65
N GLU D 304 -6.43 -7.32 -38.86
CA GLU D 304 -5.17 -6.69 -39.22
C GLU D 304 -4.01 -7.67 -39.11
N SER D 305 -3.99 -8.48 -38.05
CA SER D 305 -2.95 -9.49 -37.88
C SER D 305 -3.12 -10.57 -38.94
N GLN D 306 -2.24 -10.56 -39.94
CA GLN D 306 -2.28 -11.48 -41.07
C GLN D 306 -0.93 -12.18 -41.21
N ASN D 307 -0.47 -12.75 -40.09
CA ASN D 307 0.87 -13.33 -40.00
C ASN D 307 1.95 -12.27 -40.23
N ASN D 308 1.67 -11.05 -39.76
CA ASN D 308 2.62 -9.95 -39.79
C ASN D 308 2.91 -9.43 -38.39
N CYS D 309 2.77 -10.30 -37.38
CA CYS D 309 3.02 -9.92 -35.99
C CYS D 309 3.25 -11.19 -35.19
N ARG D 310 4.31 -11.20 -34.39
CA ARG D 310 4.69 -12.36 -33.61
C ARG D 310 4.97 -11.93 -32.17
N LEU D 311 4.24 -12.53 -31.23
CA LEU D 311 4.45 -12.26 -29.82
C LEU D 311 5.44 -13.28 -29.26
N ILE D 312 6.43 -12.78 -28.52
CA ILE D 312 7.46 -13.61 -27.92
C ILE D 312 7.37 -13.38 -26.42
N ALA D 313 6.65 -14.25 -25.73
CA ALA D 313 6.49 -14.14 -24.28
C ALA D 313 7.60 -14.92 -23.59
N TYR D 314 8.20 -14.32 -22.57
CA TYR D 314 9.31 -14.96 -21.88
C TYR D 314 9.34 -14.53 -20.42
N GLN D 315 10.01 -15.36 -19.62
CA GLN D 315 10.21 -15.09 -18.20
C GLN D 315 11.66 -15.38 -17.85
N GLU D 316 12.30 -14.44 -17.18
CA GLU D 316 13.70 -14.62 -16.78
C GLU D 316 13.78 -15.51 -15.55
N PRO D 317 14.49 -16.64 -15.59
CA PRO D 317 14.63 -17.56 -14.45
C PRO D 317 15.58 -17.03 -13.39
N PHE D 323 19.91 -16.89 -19.14
CA PHE D 323 18.88 -16.54 -20.09
C PHE D 323 19.39 -15.54 -21.13
N SER D 324 19.20 -15.87 -22.40
CA SER D 324 19.64 -15.02 -23.51
C SER D 324 18.44 -14.74 -24.40
N LEU D 325 18.09 -13.45 -24.51
CA LEU D 325 16.94 -13.06 -25.33
C LEU D 325 17.20 -13.30 -26.81
N SER D 326 18.43 -13.11 -27.27
CA SER D 326 18.74 -13.25 -28.68
C SER D 326 18.50 -14.67 -29.16
N GLN D 327 18.90 -15.67 -28.36
CA GLN D 327 18.66 -17.05 -28.74
C GLN D 327 17.16 -17.33 -28.84
N GLU D 328 16.37 -16.75 -27.94
CA GLU D 328 14.92 -16.92 -28.01
C GLU D 328 14.35 -16.30 -29.29
N VAL D 329 14.83 -15.12 -29.66
CA VAL D 329 14.34 -14.47 -30.87
C VAL D 329 14.71 -15.27 -32.11
N LEU D 330 15.94 -15.82 -32.13
CA LEU D 330 16.31 -16.71 -33.23
C LEU D 330 15.43 -17.96 -33.25
N ARG D 331 15.10 -18.50 -32.08
CA ARG D 331 14.21 -19.66 -32.03
C ARG D 331 12.84 -19.33 -32.61
N HIS D 332 12.32 -18.14 -32.32
CA HIS D 332 11.09 -17.69 -32.95
C HIS D 332 11.29 -17.30 -34.40
N LEU D 333 12.53 -17.21 -34.88
CA LEU D 333 12.80 -16.89 -36.27
C LEU D 333 13.18 -18.13 -37.07
#